data_1GAI
#
_entry.id   1GAI
#
_cell.length_a   116.900
_cell.length_b   104.400
_cell.length_c   48.400
_cell.angle_alpha   90.00
_cell.angle_beta   90.00
_cell.angle_gamma   90.00
#
_symmetry.space_group_name_H-M   'P 21 21 21'
#
loop_
_entity.id
_entity.type
_entity.pdbx_description
1 polymer GLUCOAMYLASE-471
2 branched alpha-D-mannopyranose-(1-2)-alpha-D-mannopyranose-(1-3)-beta-D-mannopyranose-(1-4)-2-acetamido-2-deoxy-beta-D-glucopyranose-(1-4)-2-acetamido-2-deoxy-beta-D-glucopyranose
3 branched alpha-D-mannopyranose-(1-2)-alpha-D-mannopyranose-(1-2)-alpha-D-mannopyranose-(1-3)-[alpha-D-mannopyranose-(1-3)-[alpha-D-mannopyranose-(1-6)]alpha-D-mannopyranose-(1-6)]beta-D-mannopyranose-(1-4)-2-acetamido-2-deoxy-beta-D-glucopyranose-(1-4)-2-acetamido-2-deoxy-beta-D-glucopyranose
4 branched 4,6-dideoxy-4-{[(1S,2S,3S,4R,5R)-2,3,4-trihydroxy-5-(hydroxymethyl)cyclohexyl]amino}-alpha-D-glucopyranose-(1-4)-alpha-D-glucopyranose-(1-4)-alpha-D-glucopyranose
5 non-polymer alpha-D-mannopyranose
6 water water
#
_entity_poly.entity_id   1
_entity_poly.type   'polypeptide(L)'
_entity_poly.pdbx_seq_one_letter_code
;ATLDSWLSNEATVARTAILNNIGADGAWVSGADSGIVVASPSTDNPDYFYTWTRDSGLVIKTLVDLFRNGDTDLLSTIEH
YISSQAIIQGVSNPSGDLSSGGLGEPKFNVDETAYTGSWGRPQRDGPALRATAMIGFGQWLLDNGYTSAATEIVWPLVRN
DLSYVAQYWNQTGYDLWEEVNGSSFFTIAVQHRALVEGSAFATAVGSSCSWCDSQAPQILCYLQSFWTGSYILANFDSSR
SGKDTNTLLGSIHTFDPEAGCDDSTFQPCSPRALANHKEVVDSFRSIYTLNDGLSDSEAVAVGRYPEDSYYNGNPWFLCT
LAAAEQLYDALYQWDKQGSLEITDVSLDFFKALYSGAATGTYSSSSSTYSSIVSAVKTFADGFVSIVETHAASNGSLSEQ
FDKSDGDELSARDLTWSYAALLTANNRRNSVVPPSWGETSASSVPGTCAATSASGTYSSVTVTSWPSIVATG
;
_entity_poly.pdbx_strand_id   A
#
loop_
_chem_comp.id
_chem_comp.type
_chem_comp.name
_chem_comp.formula
BMA D-saccharide, beta linking beta-D-mannopyranose 'C6 H12 O6'
GLC D-saccharide, alpha linking alpha-D-glucopyranose 'C6 H12 O6'
MAN D-saccharide, alpha linking alpha-D-mannopyranose 'C6 H12 O6'
NAG D-saccharide, beta linking 2-acetamido-2-deoxy-beta-D-glucopyranose 'C8 H15 N O6'
RY7 D-saccharide, alpha linking 4,6-dideoxy-4-{[(1S,2S,3S,4R,5R)-2,3,4-trihydroxy-5-(hydroxymethyl)cyclohexyl]amino}-alpha-D-glucopyranose 'C13 H25 N O8'
#
# COMPACT_ATOMS: atom_id res chain seq x y z
N ALA A 1 20.77 -11.40 14.79
CA ALA A 1 21.88 -11.36 13.78
C ALA A 1 22.15 -9.91 13.41
N THR A 2 22.93 -9.68 12.36
CA THR A 2 23.21 -8.32 11.93
C THR A 2 21.99 -7.71 11.24
N LEU A 3 21.14 -8.56 10.65
CA LEU A 3 19.93 -8.07 9.98
C LEU A 3 19.03 -7.43 11.04
N ASP A 4 18.89 -8.10 12.17
CA ASP A 4 18.06 -7.61 13.26
C ASP A 4 18.53 -6.25 13.77
N SER A 5 19.84 -6.11 13.98
CA SER A 5 20.37 -4.84 14.46
C SER A 5 20.28 -3.76 13.37
N TRP A 6 20.56 -4.14 12.13
CA TRP A 6 20.48 -3.20 11.03
C TRP A 6 19.06 -2.66 10.92
N LEU A 7 18.07 -3.55 11.03
CA LEU A 7 16.67 -3.16 10.94
C LEU A 7 16.25 -2.19 12.03
N SER A 8 16.71 -2.43 13.26
CA SER A 8 16.37 -1.54 14.37
C SER A 8 16.88 -0.14 14.12
N ASN A 9 18.12 -0.03 13.66
N ASN A 9 18.12 -0.05 13.65
CA ASN A 9 18.69 1.28 13.39
CA ASN A 9 18.75 1.23 13.36
C ASN A 9 18.02 1.91 12.17
C ASN A 9 18.10 1.90 12.16
N GLU A 10 17.79 1.10 11.13
CA GLU A 10 17.16 1.59 9.92
C GLU A 10 15.73 2.10 10.15
N ALA A 11 15.00 1.48 11.07
CA ALA A 11 13.64 1.93 11.36
C ALA A 11 13.69 3.37 11.89
N THR A 12 14.73 3.68 12.67
CA THR A 12 14.91 5.02 13.21
C THR A 12 15.28 6.00 12.09
N VAL A 13 16.17 5.58 11.20
CA VAL A 13 16.56 6.42 10.07
C VAL A 13 15.36 6.69 9.17
N ALA A 14 14.55 5.67 8.92
CA ALA A 14 13.37 5.76 8.05
C ALA A 14 12.35 6.76 8.59
N ARG A 15 12.08 6.70 9.89
CA ARG A 15 11.13 7.62 10.50
C ARG A 15 11.60 9.07 10.35
N THR A 16 12.88 9.30 10.61
CA THR A 16 13.48 10.62 10.50
C THR A 16 13.43 11.16 9.06
N ALA A 17 13.83 10.32 8.11
CA ALA A 17 13.82 10.71 6.71
C ALA A 17 12.42 11.07 6.20
N ILE A 18 11.40 10.32 6.62
CA ILE A 18 10.04 10.61 6.18
C ILE A 18 9.65 12.02 6.66
N LEU A 19 9.92 12.33 7.93
CA LEU A 19 9.59 13.64 8.48
C LEU A 19 10.35 14.78 7.78
N ASN A 20 11.56 14.49 7.31
CA ASN A 20 12.36 15.49 6.60
C ASN A 20 11.72 15.86 5.25
N ASN A 21 10.87 14.96 4.74
CA ASN A 21 10.21 15.14 3.45
C ASN A 21 8.76 15.63 3.54
N ILE A 22 8.36 16.15 4.69
CA ILE A 22 6.99 16.65 4.85
C ILE A 22 7.06 18.13 5.25
N GLY A 23 6.31 18.97 4.53
CA GLY A 23 6.29 20.40 4.83
C GLY A 23 5.50 20.72 6.10
N ALA A 24 5.63 21.94 6.64
CA ALA A 24 6.47 22.99 6.06
C ALA A 24 7.75 23.21 6.88
N ASP A 25 8.07 22.23 7.72
CA ASP A 25 9.26 22.28 8.55
C ASP A 25 10.24 21.15 8.24
N GLY A 26 9.92 20.32 7.24
CA GLY A 26 10.77 19.22 6.85
C GLY A 26 12.08 19.76 6.32
N ALA A 27 13.19 19.32 6.92
CA ALA A 27 14.53 19.78 6.55
C ALA A 27 14.96 19.65 5.10
N TRP A 28 14.44 18.66 4.39
CA TRP A 28 14.82 18.44 3.01
C TRP A 28 13.90 19.03 1.97
N VAL A 29 12.76 19.57 2.38
CA VAL A 29 11.79 20.05 1.41
C VAL A 29 11.23 21.46 1.62
N SER A 30 12.12 22.40 1.95
CA SER A 30 11.69 23.78 2.13
C SER A 30 10.95 24.21 0.87
N GLY A 31 9.77 24.78 1.05
CA GLY A 31 8.96 25.18 -0.09
C GLY A 31 7.64 24.43 -0.08
N ALA A 32 7.63 23.23 0.52
CA ALA A 32 6.41 22.44 0.60
C ALA A 32 5.49 23.05 1.67
N ASP A 33 4.19 23.08 1.39
CA ASP A 33 3.22 23.65 2.34
C ASP A 33 3.04 22.69 3.54
N SER A 34 2.30 23.14 4.55
CA SER A 34 2.08 22.36 5.76
C SER A 34 1.30 21.06 5.50
N GLY A 35 1.87 19.93 5.91
CA GLY A 35 1.23 18.64 5.73
C GLY A 35 1.43 18.01 4.35
N ILE A 36 2.21 18.67 3.49
CA ILE A 36 2.44 18.14 2.15
C ILE A 36 3.60 17.15 2.15
N VAL A 37 3.30 15.89 1.80
CA VAL A 37 4.31 14.84 1.74
C VAL A 37 4.93 14.90 0.35
N VAL A 38 6.23 15.14 0.30
CA VAL A 38 6.93 15.23 -0.98
C VAL A 38 7.51 13.85 -1.31
N ALA A 39 7.37 13.42 -2.57
CA ALA A 39 7.85 12.11 -3.00
C ALA A 39 9.36 11.89 -2.80
N SER A 40 10.15 12.92 -3.11
CA SER A 40 11.61 12.86 -2.95
C SER A 40 12.10 14.30 -3.04
N PRO A 41 13.21 14.63 -2.35
CA PRO A 41 13.72 16.01 -2.43
C PRO A 41 14.45 16.29 -3.75
N SER A 42 14.54 15.28 -4.61
CA SER A 42 15.20 15.43 -5.92
C SER A 42 14.40 16.38 -6.81
N THR A 43 15.01 17.50 -7.16
CA THR A 43 14.34 18.50 -8.00
C THR A 43 14.71 18.37 -9.48
N ASP A 44 15.67 17.51 -9.77
CA ASP A 44 16.12 17.35 -11.14
C ASP A 44 16.75 15.98 -11.38
N ASN A 45 16.44 15.39 -12.53
CA ASN A 45 16.95 14.09 -12.96
C ASN A 45 17.01 13.02 -11.88
N PRO A 46 15.85 12.55 -11.40
CA PRO A 46 14.53 13.01 -11.85
C PRO A 46 13.93 14.08 -10.92
N ASP A 47 12.93 14.79 -11.42
CA ASP A 47 12.25 15.80 -10.62
C ASP A 47 11.05 15.14 -9.94
N TYR A 48 11.24 14.75 -8.68
CA TYR A 48 10.17 14.14 -7.89
C TYR A 48 9.69 15.12 -6.81
N PHE A 49 10.02 16.41 -6.99
CA PHE A 49 9.64 17.45 -6.03
C PHE A 49 8.18 17.89 -6.29
N TYR A 50 7.25 16.98 -5.98
CA TYR A 50 5.81 17.16 -6.13
C TYR A 50 5.18 16.28 -5.06
N THR A 51 3.87 16.41 -4.89
CA THR A 51 3.17 15.59 -3.93
C THR A 51 2.17 14.72 -4.70
N TRP A 52 2.33 13.40 -4.59
CA TRP A 52 1.43 12.46 -5.24
C TRP A 52 0.40 12.01 -4.23
N THR A 53 -0.85 11.86 -4.67
CA THR A 53 -1.92 11.41 -3.78
C THR A 53 -1.63 10.00 -3.26
N ARG A 54 -1.11 9.14 -4.13
CA ARG A 54 -0.77 7.75 -3.76
C ARG A 54 0.36 7.71 -2.71
N ASP A 55 1.53 8.25 -3.04
CA ASP A 55 2.66 8.20 -2.09
C ASP A 55 2.27 8.79 -0.74
N SER A 56 1.60 9.94 -0.76
CA SER A 56 1.17 10.60 0.47
C SER A 56 0.25 9.73 1.30
N GLY A 57 -0.76 9.14 0.64
CA GLY A 57 -1.71 8.30 1.35
C GLY A 57 -1.06 7.07 1.95
N LEU A 58 -0.13 6.46 1.22
CA LEU A 58 0.57 5.28 1.71
C LEU A 58 1.47 5.62 2.90
N VAL A 59 2.21 6.73 2.79
CA VAL A 59 3.11 7.17 3.86
C VAL A 59 2.31 7.57 5.11
N ILE A 60 1.23 8.32 4.93
CA ILE A 60 0.42 8.73 6.08
C ILE A 60 -0.25 7.55 6.79
N LYS A 61 -0.73 6.57 6.04
CA LYS A 61 -1.34 5.39 6.67
C LYS A 61 -0.27 4.72 7.57
N THR A 62 0.97 4.69 7.11
CA THR A 62 2.06 4.11 7.90
C THR A 62 2.27 4.90 9.18
N LEU A 63 2.27 6.23 9.07
CA LEU A 63 2.46 7.08 10.24
C LEU A 63 1.28 6.97 11.21
N VAL A 64 0.06 6.84 10.68
CA VAL A 64 -1.13 6.70 11.53
C VAL A 64 -1.01 5.40 12.34
N ASP A 65 -0.58 4.32 11.72
CA ASP A 65 -0.41 3.06 12.43
C ASP A 65 0.67 3.16 13.52
N LEU A 66 1.78 3.85 13.23
CA LEU A 66 2.84 4.03 14.23
C LEU A 66 2.31 4.87 15.38
N PHE A 67 1.55 5.92 15.04
CA PHE A 67 0.95 6.81 16.02
C PHE A 67 0.01 6.04 16.97
N ARG A 68 -0.88 5.23 16.39
CA ARG A 68 -1.81 4.44 17.17
C ARG A 68 -1.08 3.45 18.05
N ASN A 69 0.14 3.08 17.67
CA ASN A 69 0.94 2.15 18.47
C ASN A 69 1.79 2.84 19.52
N GLY A 70 1.58 4.14 19.71
CA GLY A 70 2.35 4.87 20.71
C GLY A 70 3.30 5.96 20.28
N ASP A 71 3.51 6.14 18.98
CA ASP A 71 4.42 7.20 18.53
C ASP A 71 3.60 8.50 18.49
N THR A 72 3.25 8.98 19.68
CA THR A 72 2.41 10.17 19.83
C THR A 72 2.90 11.46 19.23
N ASP A 73 4.21 11.59 19.07
CA ASP A 73 4.81 12.79 18.48
C ASP A 73 4.41 13.03 17.02
N LEU A 74 3.83 12.03 16.37
CA LEU A 74 3.40 12.16 14.98
C LEU A 74 2.06 12.87 14.83
N LEU A 75 1.39 13.14 15.94
CA LEU A 75 0.08 13.78 15.91
C LEU A 75 -0.02 15.04 15.02
N SER A 76 0.88 15.99 15.21
N SER A 76 0.87 15.99 15.22
CA SER A 76 0.83 17.23 14.43
CA SER A 76 0.84 17.24 14.44
C SER A 76 0.99 16.99 12.94
C SER A 76 0.99 16.98 12.95
N THR A 77 1.86 16.06 12.58
CA THR A 77 2.11 15.72 11.18
C THR A 77 0.81 15.24 10.52
N ILE A 78 0.10 14.35 11.22
CA ILE A 78 -1.15 13.80 10.71
C ILE A 78 -2.21 14.90 10.58
N GLU A 79 -2.31 15.76 11.57
CA GLU A 79 -3.29 16.85 11.50
C GLU A 79 -3.00 17.77 10.31
N HIS A 80 -1.72 18.11 10.13
CA HIS A 80 -1.33 18.99 9.02
C HIS A 80 -1.69 18.34 7.69
N TYR A 81 -1.49 17.04 7.57
CA TYR A 81 -1.82 16.33 6.33
C TYR A 81 -3.32 16.43 6.03
N ILE A 82 -4.16 16.15 7.02
CA ILE A 82 -5.59 16.21 6.81
C ILE A 82 -6.03 17.63 6.43
N SER A 83 -5.50 18.64 7.10
CA SER A 83 -5.83 20.01 6.76
C SER A 83 -5.42 20.32 5.31
N SER A 84 -4.24 19.87 4.91
CA SER A 84 -3.78 20.13 3.54
C SER A 84 -4.70 19.50 2.50
N GLN A 85 -5.26 18.34 2.81
CA GLN A 85 -6.13 17.65 1.86
C GLN A 85 -7.49 18.30 1.69
N ALA A 86 -7.97 19.00 2.72
CA ALA A 86 -9.24 19.73 2.62
C ALA A 86 -9.07 20.78 1.48
N ILE A 87 -7.87 21.36 1.38
N ILE A 87 -7.87 21.36 1.40
CA ILE A 87 -7.57 22.34 0.35
CA ILE A 87 -7.53 22.34 0.37
C ILE A 87 -7.35 21.65 -1.00
C ILE A 87 -7.36 21.65 -0.99
N ILE A 88 -6.48 20.66 -1.04
CA ILE A 88 -6.18 19.91 -2.27
C ILE A 88 -7.43 19.38 -2.99
N GLN A 89 -8.40 18.84 -2.24
CA GLN A 89 -9.63 18.32 -2.84
C GLN A 89 -10.37 19.35 -3.71
N GLY A 90 -10.30 20.61 -3.31
CA GLY A 90 -10.98 21.68 -4.03
C GLY A 90 -10.20 22.36 -5.13
N VAL A 91 -8.93 21.98 -5.29
CA VAL A 91 -8.10 22.58 -6.32
C VAL A 91 -8.49 22.13 -7.74
N SER A 92 -8.91 23.08 -8.57
N SER A 92 -8.89 23.09 -8.58
CA SER A 92 -9.29 22.78 -9.95
CA SER A 92 -9.26 22.79 -9.95
C SER A 92 -8.01 22.31 -10.65
C SER A 92 -7.99 22.30 -10.64
N ASN A 93 -8.07 21.19 -11.36
CA ASN A 93 -6.88 20.65 -12.01
C ASN A 93 -7.27 19.98 -13.34
N PRO A 94 -6.29 19.47 -14.10
CA PRO A 94 -6.62 18.84 -15.38
C PRO A 94 -7.63 17.68 -15.35
N SER A 95 -7.79 17.02 -14.20
CA SER A 95 -8.76 15.93 -14.08
C SER A 95 -10.18 16.46 -13.78
N GLY A 96 -10.27 17.74 -13.40
CA GLY A 96 -11.56 18.35 -13.12
C GLY A 96 -11.57 19.10 -11.79
N ASP A 97 -12.77 19.33 -11.28
CA ASP A 97 -12.98 20.02 -9.99
C ASP A 97 -13.39 18.97 -8.97
N LEU A 98 -13.68 19.43 -7.76
CA LEU A 98 -14.10 18.52 -6.68
C LEU A 98 -15.19 17.52 -7.09
N SER A 99 -16.26 18.02 -7.70
CA SER A 99 -17.37 17.14 -8.07
C SER A 99 -17.37 16.65 -9.50
N SER A 100 -16.35 17.01 -10.28
CA SER A 100 -16.34 16.63 -11.68
C SER A 100 -15.14 15.81 -12.13
N GLY A 101 -14.48 15.14 -11.18
CA GLY A 101 -13.35 14.28 -11.51
C GLY A 101 -11.99 14.69 -10.97
N GLY A 102 -11.91 15.88 -10.38
CA GLY A 102 -10.65 16.37 -9.88
C GLY A 102 -9.93 15.52 -8.85
N LEU A 103 -10.67 14.72 -8.10
CA LEU A 103 -10.06 13.88 -7.07
C LEU A 103 -9.14 12.79 -7.62
N GLY A 104 -9.28 12.47 -8.91
CA GLY A 104 -8.44 11.44 -9.52
C GLY A 104 -7.09 11.95 -10.01
N GLU A 105 -6.80 13.24 -9.84
CA GLU A 105 -5.54 13.83 -10.28
C GLU A 105 -4.37 13.17 -9.54
N PRO A 106 -3.36 12.70 -10.28
CA PRO A 106 -2.20 12.03 -9.65
C PRO A 106 -1.29 12.85 -8.73
N LYS A 107 -0.87 14.01 -9.19
CA LYS A 107 0.05 14.81 -8.40
C LYS A 107 -0.22 16.31 -8.47
N PHE A 108 0.36 17.01 -7.51
CA PHE A 108 0.20 18.47 -7.39
C PHE A 108 1.57 19.05 -7.05
N ASN A 109 1.71 20.37 -7.22
CA ASN A 109 2.96 21.03 -6.84
C ASN A 109 2.97 21.09 -5.31
N VAL A 110 4.15 21.19 -4.72
CA VAL A 110 4.28 21.20 -3.26
C VAL A 110 3.65 22.40 -2.54
N ASP A 111 3.33 23.45 -3.30
CA ASP A 111 2.70 24.66 -2.76
C ASP A 111 1.16 24.59 -2.88
N GLU A 112 0.66 23.39 -3.24
CA GLU A 112 -0.76 23.08 -3.38
C GLU A 112 -1.44 23.59 -4.66
N THR A 113 -0.65 23.99 -5.64
CA THR A 113 -1.20 24.44 -6.92
C THR A 113 -1.26 23.22 -7.85
N ALA A 114 -2.10 23.29 -8.86
CA ALA A 114 -2.23 22.18 -9.80
C ALA A 114 -1.01 22.04 -10.71
N TYR A 115 -0.72 20.80 -11.06
CA TYR A 115 0.34 20.50 -11.99
C TYR A 115 -0.44 20.45 -13.31
N THR A 116 -0.15 21.37 -14.23
CA THR A 116 -0.91 21.42 -15.47
C THR A 116 -0.35 20.75 -16.72
N GLY A 117 0.85 20.20 -16.62
CA GLY A 117 1.46 19.56 -17.78
C GLY A 117 0.86 18.19 -18.04
N SER A 118 1.28 17.56 -19.14
N SER A 118 1.27 17.56 -19.15
CA SER A 118 0.79 16.23 -19.49
CA SER A 118 0.76 16.25 -19.49
C SER A 118 1.26 15.22 -18.46
C SER A 118 1.26 15.22 -18.47
N TRP A 119 0.41 14.24 -18.16
CA TRP A 119 0.74 13.22 -17.19
C TRP A 119 -0.27 12.12 -17.40
N GLY A 120 0.05 10.90 -16.95
CA GLY A 120 -0.89 9.80 -17.07
C GLY A 120 -1.99 9.99 -16.03
N ARG A 121 -3.10 10.59 -16.43
CA ARG A 121 -4.20 10.85 -15.52
C ARG A 121 -5.51 10.38 -16.15
N PRO A 122 -6.51 10.02 -15.32
CA PRO A 122 -6.44 10.05 -13.84
C PRO A 122 -5.86 8.74 -13.31
N GLN A 123 -5.59 8.68 -12.01
CA GLN A 123 -5.11 7.47 -11.35
C GLN A 123 -6.13 7.32 -10.23
N ARG A 124 -7.04 6.37 -10.41
CA ARG A 124 -8.15 6.17 -9.48
C ARG A 124 -7.88 5.51 -8.13
N ASP A 125 -6.63 5.09 -7.90
CA ASP A 125 -6.24 4.50 -6.63
C ASP A 125 -6.08 5.59 -5.55
N GLY A 126 -5.67 6.78 -5.96
CA GLY A 126 -5.44 7.89 -5.05
C GLY A 126 -6.52 8.16 -4.03
N PRO A 127 -7.76 8.42 -4.47
CA PRO A 127 -8.85 8.70 -3.52
C PRO A 127 -9.08 7.55 -2.52
N ALA A 128 -8.89 6.32 -2.97
CA ALA A 128 -9.08 5.15 -2.10
C ALA A 128 -8.00 5.12 -1.03
N LEU A 129 -6.76 5.35 -1.43
CA LEU A 129 -5.63 5.36 -0.50
C LEU A 129 -5.74 6.50 0.51
N ARG A 130 -6.15 7.67 0.04
CA ARG A 130 -6.29 8.81 0.94
C ARG A 130 -7.40 8.52 1.96
N ALA A 131 -8.51 7.95 1.49
CA ALA A 131 -9.63 7.60 2.37
C ALA A 131 -9.18 6.62 3.46
N THR A 132 -8.44 5.59 3.05
CA THR A 132 -7.94 4.61 4.02
C THR A 132 -7.02 5.25 5.07
N ALA A 133 -6.19 6.19 4.65
CA ALA A 133 -5.27 6.87 5.58
C ALA A 133 -6.06 7.69 6.62
N MET A 134 -7.06 8.43 6.15
CA MET A 134 -7.87 9.26 7.03
C MET A 134 -8.78 8.48 7.95
N ILE A 135 -9.38 7.40 7.44
CA ILE A 135 -10.27 6.57 8.24
C ILE A 135 -9.57 6.03 9.48
N GLY A 136 -8.31 5.61 9.34
CA GLY A 136 -7.56 5.10 10.48
C GLY A 136 -7.43 6.14 11.58
N PHE A 137 -7.16 7.37 11.20
CA PHE A 137 -7.04 8.45 12.18
C PHE A 137 -8.42 8.78 12.75
N GLY A 138 -9.44 8.78 11.90
CA GLY A 138 -10.81 9.04 12.32
C GLY A 138 -11.24 8.02 13.38
N GLN A 139 -10.81 6.77 13.22
CA GLN A 139 -11.13 5.71 14.17
C GLN A 139 -10.49 6.04 15.53
N TRP A 140 -9.23 6.44 15.52
CA TRP A 140 -8.55 6.82 16.75
C TRP A 140 -9.28 7.99 17.44
N LEU A 141 -9.67 9.01 16.67
CA LEU A 141 -10.38 10.16 17.22
C LEU A 141 -11.65 9.70 17.91
N LEU A 142 -12.43 8.85 17.24
CA LEU A 142 -13.67 8.33 17.83
C LEU A 142 -13.41 7.58 19.14
N ASP A 143 -12.43 6.68 19.11
CA ASP A 143 -12.06 5.88 20.26
C ASP A 143 -11.56 6.69 21.44
N ASN A 144 -10.92 7.82 21.18
CA ASN A 144 -10.38 8.63 22.25
C ASN A 144 -11.18 9.85 22.64
N GLY A 145 -12.46 9.86 22.27
CA GLY A 145 -13.36 10.94 22.65
C GLY A 145 -13.33 12.26 21.89
N TYR A 146 -12.73 12.29 20.69
CA TYR A 146 -12.68 13.50 19.90
C TYR A 146 -13.68 13.34 18.76
N THR A 147 -14.93 13.10 19.15
CA THR A 147 -16.01 12.87 18.20
C THR A 147 -16.24 13.99 17.19
N SER A 148 -16.19 15.24 17.64
N SER A 148 -16.16 15.23 17.64
CA SER A 148 -16.40 16.36 16.73
CA SER A 148 -16.36 16.39 16.79
C SER A 148 -15.39 16.40 15.60
C SER A 148 -15.38 16.40 15.61
N ALA A 149 -14.11 16.17 15.91
CA ALA A 149 -13.08 16.16 14.88
C ALA A 149 -13.35 15.03 13.86
N ALA A 150 -13.77 13.87 14.34
CA ALA A 150 -14.05 12.76 13.44
C ALA A 150 -15.26 13.00 12.55
N THR A 151 -16.32 13.54 13.12
N THR A 151 -16.34 13.53 13.11
CA THR A 151 -17.58 13.79 12.41
CA THR A 151 -17.56 13.78 12.36
C THR A 151 -17.58 15.01 11.51
C THR A 151 -17.56 15.02 11.48
N GLU A 152 -16.97 16.10 11.97
CA GLU A 152 -16.95 17.33 11.21
C GLU A 152 -15.77 17.59 10.28
N ILE A 153 -14.62 16.98 10.58
CA ILE A 153 -13.45 17.17 9.74
C ILE A 153 -13.17 15.92 8.88
N VAL A 154 -12.87 14.80 9.53
CA VAL A 154 -12.52 13.57 8.82
C VAL A 154 -13.62 12.97 7.93
N TRP A 155 -14.80 12.72 8.49
CA TRP A 155 -15.88 12.13 7.71
C TRP A 155 -16.20 12.88 6.42
N PRO A 156 -16.43 14.21 6.47
CA PRO A 156 -16.74 14.92 5.20
C PRO A 156 -15.64 14.78 4.12
N LEU A 157 -14.37 14.75 4.52
CA LEU A 157 -13.26 14.59 3.57
C LEU A 157 -13.30 13.20 2.95
N VAL A 158 -13.48 12.19 3.80
CA VAL A 158 -13.58 10.80 3.37
C VAL A 158 -14.79 10.60 2.46
N ARG A 159 -15.92 11.21 2.80
CA ARG A 159 -17.15 11.09 2.01
C ARG A 159 -16.92 11.51 0.55
N ASN A 160 -16.10 12.54 0.33
CA ASN A 160 -15.78 13.00 -1.02
C ASN A 160 -15.02 11.93 -1.80
N ASP A 161 -13.97 11.38 -1.20
CA ASP A 161 -13.16 10.35 -1.84
C ASP A 161 -13.93 9.05 -2.09
N LEU A 162 -14.77 8.65 -1.14
CA LEU A 162 -15.57 7.44 -1.32
C LEU A 162 -16.57 7.60 -2.47
N SER A 163 -17.13 8.80 -2.62
CA SER A 163 -18.06 9.07 -3.71
C SER A 163 -17.34 8.94 -5.04
N TYR A 164 -16.11 9.42 -5.11
CA TYR A 164 -15.33 9.32 -6.34
C TYR A 164 -15.12 7.84 -6.69
N VAL A 165 -14.70 7.05 -5.71
CA VAL A 165 -14.46 5.62 -5.97
C VAL A 165 -15.72 4.88 -6.47
N ALA A 166 -16.87 5.11 -5.82
CA ALA A 166 -18.10 4.43 -6.22
C ALA A 166 -18.60 4.84 -7.60
N GLN A 167 -18.32 6.09 -7.98
CA GLN A 167 -18.77 6.61 -9.25
C GLN A 167 -17.93 6.19 -10.45
N TYR A 168 -16.63 6.03 -10.23
CA TYR A 168 -15.75 5.76 -11.36
C TYR A 168 -14.92 4.48 -11.34
N TRP A 169 -15.16 3.57 -10.40
CA TRP A 169 -14.34 2.38 -10.35
C TRP A 169 -14.33 1.55 -11.64
N ASN A 170 -15.47 1.52 -12.33
CA ASN A 170 -15.65 0.74 -13.56
C ASN A 170 -15.22 1.46 -14.85
N GLN A 171 -14.30 2.42 -14.73
CA GLN A 171 -13.77 3.16 -15.87
C GLN A 171 -12.26 2.99 -15.90
N THR A 172 -11.69 2.99 -17.10
CA THR A 172 -10.25 2.87 -17.22
C THR A 172 -9.53 4.13 -16.68
N GLY A 173 -8.24 3.98 -16.42
CA GLY A 173 -7.40 5.07 -15.92
C GLY A 173 -5.98 4.52 -15.87
N TYR A 174 -5.02 5.30 -15.39
CA TYR A 174 -3.65 4.80 -15.32
C TYR A 174 -3.39 4.00 -14.06
N ASP A 175 -2.45 3.07 -14.16
CA ASP A 175 -2.06 2.21 -13.03
C ASP A 175 -1.16 2.95 -12.04
N LEU A 176 -0.80 2.28 -10.94
CA LEU A 176 0.05 2.90 -9.93
C LEU A 176 1.42 3.31 -10.45
N TRP A 177 1.90 2.65 -11.51
CA TRP A 177 3.20 2.99 -12.07
C TRP A 177 3.08 4.15 -13.08
N GLU A 178 1.85 4.62 -13.28
CA GLU A 178 1.56 5.77 -14.15
C GLU A 178 1.88 5.57 -15.63
N GLU A 179 1.75 4.33 -16.11
CA GLU A 179 2.14 4.02 -17.49
C GLU A 179 1.11 3.33 -18.34
N VAL A 180 0.28 2.50 -17.73
CA VAL A 180 -0.72 1.75 -18.47
C VAL A 180 -2.14 2.29 -18.31
N ASN A 181 -2.73 2.72 -19.41
CA ASN A 181 -4.11 3.20 -19.40
C ASN A 181 -5.02 1.97 -19.59
N GLY A 182 -5.62 1.49 -18.50
CA GLY A 182 -6.48 0.32 -18.57
C GLY A 182 -7.18 0.10 -17.25
N SER A 183 -7.25 -1.15 -16.77
CA SER A 183 -7.89 -1.47 -15.50
C SER A 183 -6.84 -2.28 -14.75
N SER A 184 -6.54 -1.85 -13.52
CA SER A 184 -5.43 -2.42 -12.76
C SER A 184 -5.78 -3.10 -11.43
N PHE A 185 -5.12 -4.23 -11.18
CA PHE A 185 -5.37 -5.01 -9.96
C PHE A 185 -5.24 -4.22 -8.67
N PHE A 186 -4.07 -3.63 -8.44
CA PHE A 186 -3.81 -2.85 -7.23
C PHE A 186 -4.93 -1.83 -6.99
N THR A 187 -5.28 -1.10 -8.04
CA THR A 187 -6.31 -0.09 -7.96
C THR A 187 -7.67 -0.64 -7.54
N ILE A 188 -8.11 -1.69 -8.22
CA ILE A 188 -9.41 -2.29 -7.90
C ILE A 188 -9.40 -2.87 -6.48
N ALA A 189 -8.29 -3.49 -6.09
CA ALA A 189 -8.17 -4.07 -4.75
C ALA A 189 -8.26 -3.01 -3.63
N VAL A 190 -7.52 -1.91 -3.77
CA VAL A 190 -7.57 -0.87 -2.73
C VAL A 190 -8.89 -0.09 -2.74
N GLN A 191 -9.56 -0.04 -3.89
CA GLN A 191 -10.86 0.62 -3.98
C GLN A 191 -11.90 -0.21 -3.23
N HIS A 192 -11.86 -1.53 -3.40
CA HIS A 192 -12.79 -2.42 -2.68
C HIS A 192 -12.60 -2.22 -1.18
N ARG A 193 -11.35 -2.25 -0.72
CA ARG A 193 -11.07 -2.06 0.71
C ARG A 193 -11.63 -0.73 1.22
N ALA A 194 -11.34 0.35 0.50
CA ALA A 194 -11.78 1.68 0.91
C ALA A 194 -13.30 1.79 1.10
N LEU A 195 -14.08 1.23 0.17
CA LEU A 195 -15.53 1.30 0.31
C LEU A 195 -16.04 0.55 1.54
N VAL A 196 -15.44 -0.61 1.81
CA VAL A 196 -15.83 -1.42 2.96
C VAL A 196 -15.53 -0.72 4.29
N GLU A 197 -14.31 -0.23 4.50
CA GLU A 197 -14.03 0.42 5.77
C GLU A 197 -14.70 1.81 5.82
N GLY A 198 -15.02 2.34 4.64
CA GLY A 198 -15.71 3.62 4.56
C GLY A 198 -17.14 3.49 5.07
N SER A 199 -17.79 2.39 4.72
CA SER A 199 -19.16 2.17 5.18
C SER A 199 -19.20 1.99 6.70
N ALA A 200 -18.22 1.28 7.26
CA ALA A 200 -18.16 1.08 8.69
C ALA A 200 -17.95 2.41 9.41
N PHE A 201 -17.03 3.22 8.87
CA PHE A 201 -16.74 4.52 9.47
C PHE A 201 -17.97 5.44 9.40
N ALA A 202 -18.68 5.44 8.26
CA ALA A 202 -19.87 6.27 8.09
C ALA A 202 -20.91 5.92 9.17
N THR A 203 -21.11 4.62 9.40
CA THR A 203 -22.05 4.18 10.43
C THR A 203 -21.59 4.63 11.82
N ALA A 204 -20.29 4.50 12.09
CA ALA A 204 -19.71 4.90 13.38
C ALA A 204 -19.91 6.38 13.72
N VAL A 205 -19.94 7.25 12.73
CA VAL A 205 -20.14 8.69 12.98
C VAL A 205 -21.62 9.11 12.91
N GLY A 206 -22.51 8.13 12.78
CA GLY A 206 -23.95 8.41 12.72
C GLY A 206 -24.46 8.77 11.34
N SER A 207 -23.70 8.43 10.32
CA SER A 207 -24.12 8.74 8.96
C SER A 207 -24.27 7.44 8.17
N SER A 208 -24.15 7.52 6.85
CA SER A 208 -24.30 6.34 6.01
C SER A 208 -23.55 6.50 4.70
N CYS A 209 -23.28 5.37 4.05
CA CYS A 209 -22.62 5.39 2.76
C CYS A 209 -23.28 4.34 1.87
N SER A 210 -24.46 4.66 1.37
CA SER A 210 -25.19 3.71 0.52
C SER A 210 -24.40 3.30 -0.71
N TRP A 211 -23.66 4.25 -1.30
CA TRP A 211 -22.87 3.95 -2.50
C TRP A 211 -21.71 3.01 -2.17
N CYS A 212 -21.20 3.05 -0.94
CA CYS A 212 -20.13 2.14 -0.51
C CYS A 212 -20.73 0.74 -0.53
N ASP A 213 -21.92 0.64 0.06
CA ASP A 213 -22.62 -0.64 0.19
C ASP A 213 -23.02 -1.30 -1.10
N SER A 214 -23.57 -0.52 -2.03
CA SER A 214 -23.99 -1.11 -3.30
C SER A 214 -22.82 -1.46 -4.21
N GLN A 215 -21.77 -0.64 -4.17
CA GLN A 215 -20.63 -0.87 -5.07
C GLN A 215 -19.56 -1.85 -4.60
N ALA A 216 -19.30 -1.94 -3.30
CA ALA A 216 -18.25 -2.84 -2.81
C ALA A 216 -18.32 -4.29 -3.34
N PRO A 217 -19.51 -4.94 -3.27
CA PRO A 217 -19.62 -6.32 -3.76
C PRO A 217 -19.37 -6.43 -5.27
N GLN A 218 -19.75 -5.40 -6.03
CA GLN A 218 -19.53 -5.39 -7.47
C GLN A 218 -18.06 -5.22 -7.84
N ILE A 219 -17.34 -4.44 -7.04
CA ILE A 219 -15.91 -4.27 -7.27
C ILE A 219 -15.24 -5.63 -6.96
N LEU A 220 -15.65 -6.27 -5.87
CA LEU A 220 -15.10 -7.59 -5.52
C LEU A 220 -15.40 -8.62 -6.62
N CYS A 221 -16.59 -8.56 -7.20
CA CYS A 221 -16.99 -9.47 -8.26
C CYS A 221 -16.03 -9.33 -9.45
N TYR A 222 -15.76 -8.08 -9.84
CA TYR A 222 -14.84 -7.79 -10.93
C TYR A 222 -13.40 -8.19 -10.59
N LEU A 223 -13.00 -8.00 -9.34
CA LEU A 223 -11.64 -8.34 -8.92
C LEU A 223 -11.27 -9.80 -9.22
N GLN A 224 -12.27 -10.68 -9.23
CA GLN A 224 -12.03 -12.11 -9.50
C GLN A 224 -11.50 -12.38 -10.92
N SER A 225 -11.83 -11.50 -11.86
N SER A 225 -11.82 -11.51 -11.87
CA SER A 225 -11.38 -11.63 -13.25
CA SER A 225 -11.37 -11.70 -13.25
C SER A 225 -9.87 -11.51 -13.44
C SER A 225 -9.86 -11.53 -13.44
N PHE A 226 -9.18 -10.98 -12.44
CA PHE A 226 -7.73 -10.79 -12.55
C PHE A 226 -6.95 -12.08 -12.33
N TRP A 227 -7.59 -13.12 -11.80
CA TRP A 227 -6.91 -14.40 -11.58
C TRP A 227 -6.89 -15.16 -12.92
N THR A 228 -5.70 -15.48 -13.41
CA THR A 228 -5.57 -16.17 -14.70
C THR A 228 -5.62 -17.69 -14.58
N GLY A 229 -5.43 -18.21 -13.37
CA GLY A 229 -5.39 -19.63 -13.16
C GLY A 229 -3.99 -19.99 -12.69
N SER A 230 -3.00 -19.12 -12.95
CA SER A 230 -1.63 -19.35 -12.51
C SER A 230 -1.01 -18.18 -11.76
N TYR A 231 -1.48 -16.97 -12.06
CA TYR A 231 -0.98 -15.78 -11.36
C TYR A 231 -2.03 -14.67 -11.48
N ILE A 232 -1.77 -13.54 -10.84
CA ILE A 232 -2.69 -12.41 -10.88
C ILE A 232 -2.28 -11.45 -11.98
N LEU A 233 -3.17 -11.24 -12.95
CA LEU A 233 -2.91 -10.33 -14.06
C LEU A 233 -2.85 -8.90 -13.47
N ALA A 234 -1.77 -8.18 -13.74
CA ALA A 234 -1.66 -6.83 -13.21
C ALA A 234 -2.60 -5.82 -13.86
N ASN A 235 -2.80 -5.91 -15.17
CA ASN A 235 -3.66 -4.97 -15.90
C ASN A 235 -4.36 -5.57 -17.10
N PHE A 236 -5.60 -5.13 -17.33
CA PHE A 236 -6.31 -5.51 -18.54
C PHE A 236 -5.90 -4.36 -19.47
N ASP A 237 -5.98 -4.59 -20.78
CA ASP A 237 -5.63 -3.61 -21.82
C ASP A 237 -4.13 -3.40 -21.92
N SER A 238 -3.37 -4.42 -21.55
CA SER A 238 -1.92 -4.34 -21.62
C SER A 238 -1.39 -5.51 -22.47
N SER A 239 -0.27 -5.28 -23.12
CA SER A 239 0.37 -6.29 -23.96
C SER A 239 1.48 -7.04 -23.23
N ARG A 240 1.71 -6.69 -21.96
CA ARG A 240 2.76 -7.33 -21.18
C ARG A 240 2.32 -8.71 -20.67
N SER A 241 3.22 -9.41 -20.00
CA SER A 241 2.89 -10.71 -19.43
C SER A 241 1.84 -10.54 -18.33
N GLY A 242 1.90 -9.44 -17.59
CA GLY A 242 0.96 -9.23 -16.51
C GLY A 242 1.56 -9.57 -15.14
N LYS A 243 2.78 -10.12 -15.13
CA LYS A 243 3.46 -10.43 -13.87
C LYS A 243 4.02 -9.08 -13.43
N ASP A 244 3.65 -8.62 -12.23
CA ASP A 244 4.02 -7.27 -11.81
C ASP A 244 3.87 -7.19 -10.29
N THR A 245 4.82 -6.55 -9.61
N THR A 245 4.82 -6.54 -9.62
CA THR A 245 4.75 -6.41 -8.15
CA THR A 245 4.78 -6.38 -8.17
C THR A 245 3.53 -5.60 -7.71
C THR A 245 3.56 -5.57 -7.71
N ASN A 246 2.84 -5.01 -8.69
CA ASN A 246 1.60 -4.28 -8.48
C ASN A 246 0.70 -5.23 -7.67
N THR A 247 0.73 -6.52 -8.02
CA THR A 247 -0.11 -7.51 -7.38
C THR A 247 0.30 -7.87 -5.94
N LEU A 248 1.61 -7.83 -5.65
CA LEU A 248 2.10 -8.09 -4.29
C LEU A 248 1.68 -6.90 -3.42
N LEU A 249 1.81 -5.70 -3.97
CA LEU A 249 1.42 -4.48 -3.24
C LEU A 249 -0.07 -4.49 -2.94
N GLY A 250 -0.87 -4.96 -3.91
CA GLY A 250 -2.31 -5.03 -3.71
C GLY A 250 -2.65 -5.94 -2.54
N SER A 251 -1.93 -7.05 -2.43
CA SER A 251 -2.13 -8.00 -1.34
C SER A 251 -1.69 -7.44 0.03
N ILE A 252 -0.47 -6.91 0.12
CA ILE A 252 -0.01 -6.42 1.42
C ILE A 252 -0.77 -5.18 1.92
N HIS A 253 -1.25 -4.35 0.99
CA HIS A 253 -1.99 -3.15 1.38
C HIS A 253 -3.48 -3.40 1.65
N THR A 254 -3.92 -4.62 1.42
CA THR A 254 -5.30 -5.00 1.74
C THR A 254 -5.28 -6.17 2.73
N PHE A 255 -4.11 -6.42 3.31
CA PHE A 255 -3.95 -7.47 4.32
C PHE A 255 -4.81 -7.11 5.55
N ASP A 256 -5.61 -8.07 6.02
CA ASP A 256 -6.44 -7.88 7.21
C ASP A 256 -5.99 -9.00 8.17
N PRO A 257 -5.41 -8.64 9.34
CA PRO A 257 -4.95 -9.66 10.30
C PRO A 257 -6.02 -10.63 10.83
N GLU A 258 -7.29 -10.29 10.65
CA GLU A 258 -8.39 -11.15 11.10
C GLU A 258 -8.85 -12.09 9.98
N ALA A 259 -8.31 -11.89 8.78
CA ALA A 259 -8.71 -12.68 7.63
C ALA A 259 -8.02 -14.03 7.58
N GLY A 260 -8.71 -14.99 6.96
CA GLY A 260 -8.11 -16.29 6.75
C GLY A 260 -7.38 -16.18 5.41
N CYS A 261 -6.93 -17.31 4.86
CA CYS A 261 -6.22 -17.31 3.59
C CYS A 261 -7.25 -17.29 2.45
N ASP A 262 -7.98 -16.17 2.37
CA ASP A 262 -9.06 -16.00 1.40
C ASP A 262 -8.63 -15.65 0.00
N ASP A 263 -8.99 -16.52 -0.93
CA ASP A 263 -8.68 -16.31 -2.33
C ASP A 263 -9.46 -15.14 -2.92
N SER A 264 -10.72 -14.98 -2.52
CA SER A 264 -11.55 -13.92 -3.10
C SER A 264 -11.01 -12.50 -2.87
N THR A 265 -10.30 -12.31 -1.78
CA THR A 265 -9.71 -11.00 -1.48
C THR A 265 -8.20 -11.03 -1.61
N PHE A 266 -7.66 -12.13 -2.14
CA PHE A 266 -6.22 -12.28 -2.37
C PHE A 266 -5.33 -11.98 -1.17
N GLN A 267 -5.72 -12.51 0.00
CA GLN A 267 -4.95 -12.29 1.23
C GLN A 267 -3.54 -12.88 1.07
N PRO A 268 -2.56 -12.34 1.81
CA PRO A 268 -1.18 -12.83 1.71
C PRO A 268 -0.97 -14.36 1.73
N CYS A 269 -1.70 -15.08 2.58
CA CYS A 269 -1.57 -16.55 2.65
C CYS A 269 -2.51 -17.34 1.74
N SER A 270 -3.36 -16.66 0.97
CA SER A 270 -4.27 -17.37 0.07
C SER A 270 -3.45 -18.12 -0.99
N PRO A 271 -3.94 -19.29 -1.43
CA PRO A 271 -3.21 -20.07 -2.43
C PRO A 271 -2.93 -19.22 -3.69
N ARG A 272 -3.92 -18.42 -4.09
CA ARG A 272 -3.74 -17.56 -5.27
C ARG A 272 -2.60 -16.56 -5.09
N ALA A 273 -2.54 -15.90 -3.93
CA ALA A 273 -1.48 -14.92 -3.68
C ALA A 273 -0.10 -15.59 -3.52
N LEU A 274 -0.05 -16.81 -2.98
CA LEU A 274 1.22 -17.51 -2.84
C LEU A 274 1.72 -17.97 -4.22
N ALA A 275 0.83 -18.50 -5.05
CA ALA A 275 1.20 -18.94 -6.41
C ALA A 275 1.72 -17.71 -7.17
N ASN A 276 1.00 -16.59 -7.03
CA ASN A 276 1.38 -15.35 -7.68
C ASN A 276 2.75 -14.85 -7.23
N HIS A 277 3.02 -14.94 -5.91
CA HIS A 277 4.31 -14.51 -5.35
C HIS A 277 5.48 -15.20 -6.08
N LYS A 278 5.41 -16.52 -6.22
CA LYS A 278 6.48 -17.24 -6.91
C LYS A 278 6.60 -16.85 -8.37
N GLU A 279 5.48 -16.73 -9.07
CA GLU A 279 5.46 -16.35 -10.48
C GLU A 279 6.10 -14.98 -10.69
N VAL A 280 5.74 -14.02 -9.84
CA VAL A 280 6.28 -12.67 -9.97
C VAL A 280 7.76 -12.62 -9.62
N VAL A 281 8.13 -13.14 -8.46
CA VAL A 281 9.53 -13.13 -8.05
C VAL A 281 10.44 -13.87 -9.05
N ASP A 282 9.98 -15.01 -9.55
CA ASP A 282 10.76 -15.79 -10.51
C ASP A 282 11.04 -15.03 -11.81
N SER A 283 10.15 -14.10 -12.19
CA SER A 283 10.32 -13.33 -13.42
C SER A 283 11.55 -12.41 -13.40
N PHE A 284 12.12 -12.18 -12.22
CA PHE A 284 13.29 -11.32 -12.10
C PHE A 284 14.59 -12.11 -11.93
N ARG A 285 14.50 -13.43 -11.81
CA ARG A 285 15.67 -14.26 -11.59
C ARG A 285 16.72 -14.25 -12.70
N SER A 286 16.28 -14.25 -13.94
CA SER A 286 17.25 -14.28 -15.03
C SER A 286 17.52 -12.97 -15.74
N ILE A 287 16.84 -11.89 -15.36
CA ILE A 287 17.04 -10.60 -16.04
C ILE A 287 17.99 -9.60 -15.40
N TYR A 288 18.38 -9.85 -14.16
CA TYR A 288 19.30 -8.96 -13.46
C TYR A 288 20.57 -9.72 -13.16
N THR A 289 21.69 -9.16 -13.58
CA THR A 289 23.00 -9.75 -13.34
C THR A 289 23.23 -9.89 -11.84
N LEU A 290 22.61 -9.00 -11.08
CA LEU A 290 22.70 -9.01 -9.63
C LEU A 290 22.18 -10.33 -9.04
N ASN A 291 21.28 -11.00 -9.78
CA ASN A 291 20.70 -12.26 -9.31
C ASN A 291 21.41 -13.53 -9.80
N ASP A 292 22.48 -13.37 -10.57
CA ASP A 292 23.23 -14.53 -11.10
C ASP A 292 23.69 -15.50 -10.02
N GLY A 293 23.53 -16.78 -10.30
CA GLY A 293 23.99 -17.80 -9.36
C GLY A 293 23.13 -18.14 -8.16
N LEU A 294 21.98 -17.48 -8.02
CA LEU A 294 21.11 -17.77 -6.88
C LEU A 294 20.16 -18.87 -7.27
N SER A 295 19.84 -19.76 -6.33
CA SER A 295 18.93 -20.86 -6.59
C SER A 295 17.50 -20.43 -6.35
N ASP A 296 16.56 -21.29 -6.75
CA ASP A 296 15.13 -21.04 -6.59
C ASP A 296 14.66 -20.97 -5.15
N SER A 297 15.49 -21.38 -4.21
CA SER A 297 15.08 -21.33 -2.82
C SER A 297 15.68 -20.10 -2.14
N GLU A 298 16.36 -19.26 -2.92
CA GLU A 298 16.98 -18.06 -2.36
C GLU A 298 16.29 -16.79 -2.85
N ALA A 299 16.29 -15.78 -1.99
CA ALA A 299 15.69 -14.49 -2.32
C ALA A 299 16.52 -13.80 -3.40
N VAL A 300 15.87 -12.95 -4.20
CA VAL A 300 16.53 -12.23 -5.28
C VAL A 300 16.07 -10.76 -5.28
N ALA A 301 16.79 -9.90 -6.01
CA ALA A 301 16.38 -8.48 -6.11
C ALA A 301 15.16 -8.44 -7.00
N VAL A 302 14.13 -7.74 -6.56
CA VAL A 302 12.86 -7.66 -7.28
C VAL A 302 12.57 -6.24 -7.80
N GLY A 303 12.07 -6.18 -9.04
CA GLY A 303 11.73 -4.90 -9.66
C GLY A 303 10.21 -4.75 -9.76
N ARG A 304 9.75 -3.94 -10.72
CA ARG A 304 8.32 -3.72 -10.91
C ARG A 304 7.68 -4.80 -11.78
N TYR A 305 8.11 -4.91 -13.03
CA TYR A 305 7.61 -5.93 -13.95
C TYR A 305 8.80 -6.26 -14.87
N PRO A 306 8.88 -7.51 -15.37
CA PRO A 306 10.01 -7.89 -16.21
C PRO A 306 10.24 -7.08 -17.50
N GLU A 307 9.18 -6.46 -18.03
CA GLU A 307 9.29 -5.65 -19.25
C GLU A 307 9.71 -4.20 -18.99
N ASP A 308 9.93 -3.84 -17.74
CA ASP A 308 10.28 -2.47 -17.35
C ASP A 308 11.55 -1.93 -18.01
N SER A 309 11.48 -0.70 -18.51
CA SER A 309 12.64 -0.05 -19.11
C SER A 309 12.94 1.33 -18.48
N TYR A 310 12.18 1.68 -17.44
CA TYR A 310 12.38 2.96 -16.73
C TYR A 310 13.77 2.90 -16.08
N TYR A 311 14.63 3.82 -16.51
CA TYR A 311 16.04 3.87 -16.08
C TYR A 311 16.72 2.55 -16.42
N ASN A 312 16.21 1.92 -17.49
CA ASN A 312 16.66 0.64 -18.04
C ASN A 312 16.06 -0.62 -17.38
N GLY A 313 15.21 -0.44 -16.37
CA GLY A 313 14.58 -1.57 -15.70
C GLY A 313 15.50 -2.13 -14.63
N ASN A 314 15.23 -1.79 -13.38
CA ASN A 314 16.08 -2.22 -12.27
C ASN A 314 15.24 -2.63 -11.08
N PRO A 315 15.88 -3.29 -10.11
CA PRO A 315 15.09 -3.68 -8.93
C PRO A 315 14.77 -2.38 -8.16
N TRP A 316 13.68 -2.43 -7.39
CA TRP A 316 13.24 -1.29 -6.59
C TRP A 316 13.27 -1.72 -5.13
N PHE A 317 13.68 -0.84 -4.24
CA PHE A 317 13.71 -1.17 -2.82
C PHE A 317 12.31 -1.52 -2.30
N LEU A 318 11.30 -0.72 -2.67
CA LEU A 318 9.95 -0.98 -2.17
C LEU A 318 9.36 -2.29 -2.71
N CYS A 319 9.79 -2.69 -3.91
CA CYS A 319 9.30 -3.94 -4.52
C CYS A 319 9.95 -5.14 -3.86
N THR A 320 11.24 -5.03 -3.55
CA THR A 320 11.96 -6.11 -2.88
C THR A 320 11.39 -6.27 -1.46
N LEU A 321 11.08 -5.15 -0.82
CA LEU A 321 10.50 -5.17 0.51
C LEU A 321 9.09 -5.76 0.51
N ALA A 322 8.31 -5.50 -0.54
CA ALA A 322 6.94 -6.04 -0.64
C ALA A 322 6.99 -7.57 -0.73
N ALA A 323 8.02 -8.10 -1.41
CA ALA A 323 8.17 -9.55 -1.54
C ALA A 323 8.35 -10.18 -0.15
N ALA A 324 9.10 -9.49 0.72
CA ALA A 324 9.32 -9.98 2.07
C ALA A 324 8.06 -9.77 2.93
N GLU A 325 7.45 -8.60 2.82
CA GLU A 325 6.26 -8.29 3.61
C GLU A 325 5.09 -9.25 3.41
N GLN A 326 4.84 -9.68 2.17
CA GLN A 326 3.74 -10.61 1.95
C GLN A 326 3.96 -11.90 2.75
N LEU A 327 5.23 -12.34 2.80
CA LEU A 327 5.57 -13.56 3.54
C LEU A 327 5.46 -13.37 5.06
N TYR A 328 5.89 -12.22 5.57
CA TYR A 328 5.74 -11.96 7.01
C TYR A 328 4.25 -11.97 7.38
N ASP A 329 3.39 -11.43 6.51
CA ASP A 329 1.95 -11.41 6.73
C ASP A 329 1.42 -12.85 6.76
N ALA A 330 1.84 -13.66 5.79
CA ALA A 330 1.42 -15.05 5.71
C ALA A 330 1.83 -15.82 6.97
N LEU A 331 3.05 -15.59 7.45
CA LEU A 331 3.52 -16.27 8.65
C LEU A 331 2.60 -15.93 9.83
N TYR A 332 2.22 -14.65 9.91
CA TYR A 332 1.34 -14.19 10.97
C TYR A 332 -0.01 -14.90 10.88
N GLN A 333 -0.58 -14.97 9.68
CA GLN A 333 -1.88 -15.61 9.48
C GLN A 333 -1.86 -17.10 9.83
N TRP A 334 -0.81 -17.81 9.39
CA TRP A 334 -0.69 -19.24 9.70
C TRP A 334 -0.59 -19.46 11.19
N ASP A 335 0.22 -18.64 11.84
CA ASP A 335 0.41 -18.73 13.28
C ASP A 335 -0.90 -18.50 14.02
N LYS A 336 -1.63 -17.46 13.63
CA LYS A 336 -2.91 -17.13 14.26
C LYS A 336 -3.96 -18.23 14.04
N GLN A 337 -3.97 -18.85 12.85
CA GLN A 337 -4.92 -19.91 12.54
C GLN A 337 -4.54 -21.23 13.22
N GLY A 338 -3.25 -21.42 13.41
CA GLY A 338 -2.76 -22.65 14.02
C GLY A 338 -2.54 -23.75 12.99
N SER A 339 -2.52 -23.39 11.72
CA SER A 339 -2.28 -24.36 10.66
C SER A 339 -1.96 -23.69 9.35
N LEU A 340 -1.56 -24.52 8.40
CA LEU A 340 -1.19 -24.09 7.08
C LEU A 340 -1.66 -25.16 6.11
N GLU A 341 -2.23 -24.76 5.00
CA GLU A 341 -2.70 -25.72 4.02
C GLU A 341 -1.93 -25.58 2.70
N ILE A 342 -1.59 -26.70 2.09
CA ILE A 342 -0.92 -26.67 0.80
C ILE A 342 -1.91 -27.25 -0.19
N THR A 343 -2.19 -26.54 -1.28
CA THR A 343 -3.14 -27.00 -2.29
C THR A 343 -2.41 -27.15 -3.62
N ASP A 344 -3.10 -27.67 -4.63
CA ASP A 344 -2.51 -27.83 -5.94
C ASP A 344 -2.06 -26.48 -6.51
N VAL A 345 -2.80 -25.42 -6.18
CA VAL A 345 -2.48 -24.08 -6.65
C VAL A 345 -1.18 -23.51 -6.05
N SER A 346 -0.97 -23.72 -4.76
CA SER A 346 0.20 -23.20 -4.08
C SER A 346 1.36 -24.20 -3.92
N LEU A 347 1.20 -25.42 -4.40
CA LEU A 347 2.24 -26.43 -4.25
C LEU A 347 3.63 -25.99 -4.72
N ASP A 348 3.72 -25.41 -5.91
CA ASP A 348 5.01 -24.96 -6.43
C ASP A 348 5.72 -23.95 -5.54
N PHE A 349 4.96 -23.03 -4.94
CA PHE A 349 5.54 -22.04 -4.03
C PHE A 349 6.24 -22.78 -2.87
N PHE A 350 5.54 -23.72 -2.26
CA PHE A 350 6.10 -24.47 -1.14
C PHE A 350 7.23 -25.41 -1.51
N LYS A 351 7.07 -26.12 -2.63
CA LYS A 351 8.09 -27.07 -3.09
C LYS A 351 9.45 -26.44 -3.33
N ALA A 352 9.46 -25.21 -3.83
CA ALA A 352 10.71 -24.51 -4.09
C ALA A 352 11.48 -24.27 -2.80
N LEU A 353 10.77 -24.11 -1.68
CA LEU A 353 11.40 -23.85 -0.39
C LEU A 353 11.61 -25.07 0.51
N TYR A 354 10.76 -26.07 0.33
CA TYR A 354 10.80 -27.31 1.12
C TYR A 354 10.46 -28.42 0.14
N SER A 355 11.48 -29.10 -0.38
CA SER A 355 11.27 -30.17 -1.37
C SER A 355 10.32 -31.29 -0.99
N GLY A 356 10.13 -31.53 0.29
CA GLY A 356 9.22 -32.58 0.72
C GLY A 356 7.75 -32.15 0.77
N ALA A 357 7.45 -30.92 0.33
CA ALA A 357 6.08 -30.41 0.36
C ALA A 357 5.08 -31.29 -0.38
N ALA A 358 3.90 -31.45 0.19
CA ALA A 358 2.84 -32.24 -0.42
C ALA A 358 1.52 -31.60 0.00
N THR A 359 0.49 -31.73 -0.83
CA THR A 359 -0.80 -31.14 -0.49
C THR A 359 -1.35 -31.74 0.82
N GLY A 360 -2.06 -30.91 1.57
CA GLY A 360 -2.63 -31.37 2.83
C GLY A 360 -2.72 -30.23 3.82
N THR A 361 -3.19 -30.53 5.03
CA THR A 361 -3.34 -29.54 6.09
C THR A 361 -2.32 -29.86 7.16
N TYR A 362 -1.55 -28.86 7.56
CA TYR A 362 -0.50 -29.06 8.56
C TYR A 362 -0.69 -28.21 9.79
N SER A 363 -0.91 -28.86 10.93
CA SER A 363 -1.13 -28.13 12.16
C SER A 363 0.17 -27.48 12.63
N SER A 364 0.06 -26.45 13.46
CA SER A 364 1.23 -25.73 13.93
C SER A 364 2.20 -26.55 14.81
N SER A 365 1.77 -27.72 15.27
CA SER A 365 2.62 -28.58 16.10
C SER A 365 3.34 -29.66 15.28
N SER A 366 2.96 -29.79 14.00
CA SER A 366 3.55 -30.81 13.13
C SER A 366 4.95 -30.50 12.68
N SER A 367 5.69 -31.54 12.31
N SER A 367 5.67 -31.55 12.30
CA SER A 367 7.05 -31.38 11.85
CA SER A 367 7.03 -31.45 11.82
C SER A 367 7.07 -30.62 10.52
C SER A 367 7.07 -30.65 10.53
N THR A 368 6.15 -30.95 9.62
CA THR A 368 6.07 -30.27 8.33
C THR A 368 5.87 -28.76 8.50
N TYR A 369 4.95 -28.38 9.39
CA TYR A 369 4.68 -26.96 9.64
C TYR A 369 5.98 -26.27 10.07
N SER A 370 6.65 -26.84 11.07
N SER A 370 6.65 -26.85 11.07
CA SER A 370 7.91 -26.28 11.57
CA SER A 370 7.90 -26.31 11.57
C SER A 370 8.95 -26.09 10.47
C SER A 370 8.93 -26.09 10.46
N SER A 371 9.10 -27.09 9.61
CA SER A 371 10.06 -27.01 8.51
C SER A 371 9.71 -25.91 7.51
N ILE A 372 8.43 -25.84 7.13
CA ILE A 372 7.98 -24.84 6.18
C ILE A 372 8.07 -23.41 6.72
N VAL A 373 7.59 -23.14 7.92
CA VAL A 373 7.67 -21.76 8.44
C VAL A 373 9.12 -21.29 8.60
N SER A 374 10.02 -22.20 8.97
N SER A 374 10.03 -22.20 8.98
CA SER A 374 11.43 -21.85 9.11
CA SER A 374 11.43 -21.85 9.12
C SER A 374 11.99 -21.43 7.75
C SER A 374 12.02 -21.46 7.76
N ALA A 375 11.66 -22.22 6.72
CA ALA A 375 12.13 -21.96 5.37
C ALA A 375 11.54 -20.64 4.84
N VAL A 376 10.26 -20.40 5.10
CA VAL A 376 9.60 -19.17 4.64
C VAL A 376 10.20 -17.94 5.31
N LYS A 377 10.46 -18.03 6.61
CA LYS A 377 11.04 -16.90 7.35
C LYS A 377 12.43 -16.57 6.81
N THR A 378 13.24 -17.60 6.56
CA THR A 378 14.59 -17.41 6.04
C THR A 378 14.56 -16.76 4.65
N PHE A 379 13.62 -17.20 3.82
CA PHE A 379 13.41 -16.69 2.47
C PHE A 379 13.02 -15.21 2.53
N ALA A 380 12.05 -14.87 3.40
CA ALA A 380 11.59 -13.49 3.59
C ALA A 380 12.74 -12.59 4.06
N ASP A 381 13.50 -13.04 5.06
CA ASP A 381 14.63 -12.28 5.58
C ASP A 381 15.67 -12.06 4.47
N GLY A 382 15.73 -13.00 3.53
CA GLY A 382 16.66 -12.91 2.43
C GLY A 382 16.41 -11.66 1.60
N PHE A 383 15.14 -11.34 1.36
CA PHE A 383 14.81 -10.14 0.59
C PHE A 383 15.27 -8.90 1.34
N VAL A 384 15.07 -8.88 2.66
CA VAL A 384 15.47 -7.75 3.45
C VAL A 384 17.00 -7.59 3.48
N SER A 385 17.73 -8.70 3.46
CA SER A 385 19.20 -8.63 3.44
C SER A 385 19.73 -7.97 2.16
N ILE A 386 19.05 -8.22 1.05
CA ILE A 386 19.43 -7.63 -0.23
C ILE A 386 19.26 -6.11 -0.12
N VAL A 387 18.18 -5.66 0.52
CA VAL A 387 17.96 -4.23 0.71
C VAL A 387 19.08 -3.65 1.58
N GLU A 388 19.38 -4.34 2.69
CA GLU A 388 20.44 -3.90 3.60
C GLU A 388 21.77 -3.76 2.86
N THR A 389 22.06 -4.74 2.01
CA THR A 389 23.30 -4.76 1.23
C THR A 389 23.47 -3.58 0.26
N HIS A 390 22.36 -3.07 -0.25
CA HIS A 390 22.44 -1.97 -1.21
C HIS A 390 22.03 -0.59 -0.72
N ALA A 391 21.63 -0.49 0.54
CA ALA A 391 21.27 0.79 1.14
C ALA A 391 22.58 1.58 1.30
N ALA A 392 22.49 2.90 1.33
CA ALA A 392 23.69 3.72 1.52
C ALA A 392 24.21 3.47 2.95
N SER A 393 25.49 3.77 3.19
CA SER A 393 26.08 3.56 4.50
C SER A 393 25.35 4.27 5.64
N ASN A 394 24.73 5.40 5.35
CA ASN A 394 24.00 6.11 6.38
C ASN A 394 22.51 5.75 6.41
N GLY A 395 22.12 4.74 5.64
CA GLY A 395 20.74 4.29 5.64
C GLY A 395 19.84 4.85 4.55
N SER A 396 20.33 5.76 3.73
CA SER A 396 19.50 6.32 2.66
C SER A 396 19.00 5.27 1.69
N LEU A 397 17.73 5.40 1.30
CA LEU A 397 17.10 4.49 0.35
C LEU A 397 16.56 5.30 -0.82
N SER A 398 17.04 4.98 -2.02
N SER A 398 17.04 4.98 -2.02
CA SER A 398 16.59 5.64 -3.24
CA SER A 398 16.60 5.63 -3.24
C SER A 398 15.38 4.87 -3.79
C SER A 398 15.41 4.85 -3.80
N GLU A 399 14.95 5.21 -5.00
CA GLU A 399 13.85 4.52 -5.61
C GLU A 399 14.31 3.14 -6.13
N GLN A 400 15.46 3.14 -6.82
CA GLN A 400 15.98 1.91 -7.42
C GLN A 400 17.43 1.62 -7.08
N PHE A 401 17.88 0.41 -7.37
CA PHE A 401 19.28 0.04 -7.20
C PHE A 401 19.63 -0.73 -8.46
N ASP A 402 20.83 -0.48 -8.97
CA ASP A 402 21.28 -1.02 -10.23
C ASP A 402 21.20 -2.54 -10.41
N LYS A 403 20.61 -2.93 -11.54
CA LYS A 403 20.40 -4.34 -11.91
C LYS A 403 21.71 -5.14 -12.04
N SER A 404 22.81 -4.43 -12.25
CA SER A 404 24.13 -5.06 -12.40
C SER A 404 25.07 -4.89 -11.22
N ASP A 405 25.29 -3.65 -10.77
CA ASP A 405 26.19 -3.41 -9.65
C ASP A 405 25.54 -3.02 -8.33
N GLY A 406 24.22 -2.87 -8.32
CA GLY A 406 23.52 -2.55 -7.09
C GLY A 406 23.62 -1.13 -6.55
N ASP A 407 24.24 -0.23 -7.30
CA ASP A 407 24.34 1.16 -6.85
C ASP A 407 22.96 1.82 -6.86
N GLU A 408 22.73 2.73 -5.94
CA GLU A 408 21.44 3.43 -5.88
C GLU A 408 21.28 4.37 -7.07
N LEU A 409 20.09 4.39 -7.65
CA LEU A 409 19.80 5.27 -8.76
C LEU A 409 18.37 5.80 -8.71
N SER A 410 18.06 6.70 -9.64
CA SER A 410 16.78 7.39 -9.72
C SER A 410 16.64 8.31 -8.50
N ALA A 411 15.40 8.66 -8.12
CA ALA A 411 15.17 9.59 -7.01
C ALA A 411 15.80 9.20 -5.68
N ARG A 412 16.59 10.09 -5.11
CA ARG A 412 17.23 9.80 -3.81
C ARG A 412 16.21 9.99 -2.69
N ASP A 413 16.47 9.36 -1.54
CA ASP A 413 15.63 9.48 -0.35
C ASP A 413 14.13 9.50 -0.65
N LEU A 414 13.68 8.44 -1.31
CA LEU A 414 12.28 8.31 -1.71
C LEU A 414 11.43 7.99 -0.47
N THR A 415 10.48 8.86 -0.18
CA THR A 415 9.61 8.71 1.00
C THR A 415 8.92 7.35 1.05
N TRP A 416 8.42 6.88 -0.08
CA TRP A 416 7.73 5.59 -0.12
C TRP A 416 8.70 4.44 0.23
N SER A 417 9.97 4.54 -0.17
CA SER A 417 10.96 3.51 0.18
C SER A 417 11.06 3.38 1.69
N TYR A 418 11.09 4.51 2.40
CA TYR A 418 11.17 4.51 3.85
C TYR A 418 9.92 3.95 4.50
N ALA A 419 8.75 4.26 3.97
CA ALA A 419 7.50 3.73 4.52
C ALA A 419 7.46 2.20 4.32
N ALA A 420 7.94 1.72 3.17
CA ALA A 420 7.95 0.28 2.87
C ALA A 420 8.91 -0.44 3.82
N LEU A 421 9.98 0.23 4.23
CA LEU A 421 10.92 -0.39 5.17
C LEU A 421 10.21 -0.51 6.53
N LEU A 422 9.53 0.56 6.96
CA LEU A 422 8.83 0.55 8.23
C LEU A 422 7.75 -0.53 8.31
N THR A 423 6.93 -0.68 7.26
CA THR A 423 5.89 -1.70 7.30
C THR A 423 6.48 -3.14 7.25
N ALA A 424 7.52 -3.35 6.44
CA ALA A 424 8.13 -4.68 6.37
C ALA A 424 8.71 -5.05 7.75
N ASN A 425 9.37 -4.10 8.40
CA ASN A 425 9.97 -4.34 9.71
C ASN A 425 8.89 -4.65 10.75
N ASN A 426 7.79 -3.90 10.71
CA ASN A 426 6.69 -4.10 11.65
C ASN A 426 6.10 -5.51 11.50
N ARG A 427 5.81 -5.92 10.26
CA ARG A 427 5.23 -7.24 10.01
C ARG A 427 6.19 -8.33 10.47
N ARG A 428 7.49 -8.12 10.23
CA ARG A 428 8.51 -9.07 10.65
C ARG A 428 8.45 -9.26 12.16
N ASN A 429 8.10 -8.18 12.87
CA ASN A 429 7.99 -8.20 14.33
C ASN A 429 6.57 -8.50 14.81
N SER A 430 5.73 -8.98 13.89
CA SER A 430 4.34 -9.31 14.20
C SER A 430 3.49 -8.12 14.62
N VAL A 431 3.85 -6.93 14.16
CA VAL A 431 3.07 -5.74 14.47
C VAL A 431 2.20 -5.55 13.24
N VAL A 432 0.90 -5.75 13.43
CA VAL A 432 -0.04 -5.68 12.32
C VAL A 432 -0.98 -4.48 12.40
N PRO A 433 -1.57 -4.09 11.25
CA PRO A 433 -2.48 -2.95 11.23
C PRO A 433 -3.88 -3.33 11.65
N PRO A 434 -4.71 -2.33 11.96
CA PRO A 434 -6.09 -2.59 12.35
C PRO A 434 -6.84 -3.28 11.20
N SER A 435 -7.82 -4.10 11.55
CA SER A 435 -8.62 -4.82 10.58
C SER A 435 -9.51 -3.82 9.80
N TRP A 436 -9.83 -4.13 8.54
CA TRP A 436 -10.69 -3.24 7.75
C TRP A 436 -12.06 -3.86 7.50
N GLY A 437 -12.29 -5.05 8.06
CA GLY A 437 -13.58 -5.70 7.90
C GLY A 437 -13.66 -6.73 6.80
N GLU A 438 -12.52 -7.30 6.43
CA GLU A 438 -12.48 -8.30 5.36
C GLU A 438 -13.40 -9.50 5.63
N THR A 439 -13.55 -9.87 6.89
CA THR A 439 -14.35 -11.04 7.25
C THR A 439 -15.82 -10.96 6.91
N SER A 440 -16.30 -9.76 6.59
CA SER A 440 -17.70 -9.62 6.20
C SER A 440 -17.77 -8.99 4.81
N ALA A 441 -16.69 -9.08 4.07
CA ALA A 441 -16.63 -8.50 2.74
C ALA A 441 -15.79 -9.35 1.78
N SER A 442 -15.96 -10.67 1.83
CA SER A 442 -15.22 -11.54 0.92
C SER A 442 -16.17 -12.42 0.13
N SER A 443 -17.48 -12.19 0.27
CA SER A 443 -18.49 -12.95 -0.44
C SER A 443 -18.67 -12.37 -1.85
N VAL A 444 -18.49 -13.20 -2.87
CA VAL A 444 -18.62 -12.76 -4.25
C VAL A 444 -20.03 -12.95 -4.79
N PRO A 445 -20.62 -11.90 -5.40
CA PRO A 445 -21.97 -12.00 -5.97
C PRO A 445 -22.00 -13.05 -7.08
N GLY A 446 -23.17 -13.64 -7.31
CA GLY A 446 -23.28 -14.65 -8.35
C GLY A 446 -23.13 -14.12 -9.76
N THR A 447 -23.47 -12.85 -9.96
CA THR A 447 -23.36 -12.23 -11.28
C THR A 447 -22.77 -10.83 -11.12
N CYS A 448 -21.75 -10.53 -11.91
CA CYS A 448 -21.10 -9.21 -11.87
C CYS A 448 -21.80 -8.27 -12.83
N ALA A 449 -21.91 -7.00 -12.45
CA ALA A 449 -22.54 -6.00 -13.30
C ALA A 449 -21.58 -4.84 -13.51
N ALA A 450 -21.59 -4.28 -14.71
CA ALA A 450 -20.78 -3.09 -15.04
C ALA A 450 -21.72 -2.03 -14.52
N THR A 451 -21.32 -1.34 -13.45
N THR A 451 -21.35 -1.39 -13.41
CA THR A 451 -22.19 -0.33 -12.88
CA THR A 451 -22.22 -0.41 -12.77
C THR A 451 -21.42 0.71 -12.06
C THR A 451 -21.44 0.64 -11.99
N SER A 452 -22.18 1.57 -11.37
CA SER A 452 -21.60 2.63 -10.55
C SER A 452 -22.74 3.15 -9.67
N ALA A 453 -22.40 4.04 -8.75
CA ALA A 453 -23.39 4.68 -7.92
C ALA A 453 -22.77 6.05 -7.67
N SER A 454 -23.59 7.09 -7.77
N SER A 454 -23.58 7.09 -7.77
CA SER A 454 -23.10 8.44 -7.53
CA SER A 454 -23.07 8.43 -7.53
C SER A 454 -23.38 8.82 -6.08
C SER A 454 -23.37 8.80 -6.08
N GLY A 455 -22.35 9.30 -5.39
CA GLY A 455 -22.52 9.67 -4.00
C GLY A 455 -22.85 11.13 -3.84
N THR A 456 -21.98 11.83 -3.14
CA THR A 456 -22.20 13.24 -2.90
C THR A 456 -20.88 13.98 -2.66
N TYR A 457 -20.84 15.24 -3.11
CA TYR A 457 -19.63 16.05 -2.98
C TYR A 457 -19.93 17.35 -2.27
N SER A 458 -19.01 17.76 -1.41
CA SER A 458 -19.16 19.02 -0.69
C SER A 458 -17.81 19.47 -0.17
N SER A 459 -17.46 20.73 -0.42
CA SER A 459 -16.19 21.26 0.01
C SER A 459 -16.07 21.39 1.52
N VAL A 460 -14.95 20.93 2.06
CA VAL A 460 -14.70 20.97 3.49
C VAL A 460 -13.73 22.10 3.83
N THR A 461 -14.03 22.81 4.91
CA THR A 461 -13.20 23.90 5.38
C THR A 461 -12.80 23.53 6.80
N VAL A 462 -11.49 23.45 7.05
CA VAL A 462 -11.04 23.09 8.38
C VAL A 462 -10.76 24.38 9.17
N THR A 463 -11.74 24.79 9.96
CA THR A 463 -11.65 26.00 10.78
C THR A 463 -10.51 25.88 11.79
N SER A 464 -10.49 24.80 12.57
CA SER A 464 -9.43 24.57 13.54
C SER A 464 -9.48 23.15 14.09
N TRP A 465 -8.39 22.73 14.72
CA TRP A 465 -8.29 21.41 15.32
C TRP A 465 -8.42 21.51 16.84
N PRO A 466 -9.24 20.65 17.45
CA PRO A 466 -9.39 20.70 18.91
C PRO A 466 -8.03 20.38 19.53
N SER A 467 -7.83 20.78 20.78
CA SER A 467 -6.56 20.52 21.44
C SER A 467 -6.53 19.04 21.82
N ILE A 468 -6.08 18.23 20.88
CA ILE A 468 -6.00 16.80 21.08
C ILE A 468 -4.72 16.46 21.83
N VAL A 469 -4.83 15.62 22.85
N VAL A 469 -4.85 15.68 22.89
CA VAL A 469 -3.67 15.22 23.63
CA VAL A 469 -3.70 15.26 23.67
C VAL A 469 -3.53 13.70 23.62
C VAL A 469 -3.59 13.75 23.53
N ALA A 470 -2.40 13.21 23.12
N ALA A 470 -2.53 13.30 22.87
CA ALA A 470 -2.12 11.79 23.06
CA ALA A 470 -2.31 11.88 22.66
C ALA A 470 -0.90 11.56 23.93
C ALA A 470 -1.25 11.37 23.62
N THR A 471 -0.90 10.46 24.69
N THR A 471 -1.60 10.34 24.39
CA THR A 471 0.20 10.16 25.60
CA THR A 471 -0.68 9.75 25.36
C THR A 471 0.71 8.74 25.44
C THR A 471 -0.89 8.24 25.36
N GLY A 472 1.99 8.53 25.78
N GLY A 472 0.20 7.47 25.36
CA GLY A 472 2.59 7.21 25.69
CA GLY A 472 0.10 6.03 25.35
C GLY A 472 3.21 6.93 24.34
C GLY A 472 1.29 5.32 24.74
C1 NAG B . -16.63 -2.97 -15.57
C2 NAG B . -15.31 -3.42 -16.18
C3 NAG B . -15.54 -4.64 -17.07
C4 NAG B . -16.24 -5.73 -16.29
C5 NAG B . -17.53 -5.18 -15.68
C6 NAG B . -18.26 -6.21 -14.82
C7 NAG B . -13.78 -1.56 -16.40
C8 NAG B . -13.12 -0.53 -17.31
N2 NAG B . -14.67 -2.38 -16.96
O3 NAG B . -14.30 -5.10 -17.57
O4 NAG B . -16.57 -6.82 -17.17
O5 NAG B . -17.23 -4.04 -14.85
O6 NAG B . -17.41 -6.78 -13.84
O7 NAG B . -13.54 -1.57 -15.19
H1 NAG B . -17.35 -2.67 -16.37
H2 NAG B . -14.66 -3.76 -15.35
H3 NAG B . -16.19 -4.35 -17.92
H4 NAG B . -15.61 -6.04 -15.44
H5 NAG B . -18.22 -4.87 -16.47
H61 NAG B . -18.69 -7.00 -15.46
H62 NAG B . -19.10 -5.72 -14.31
H81 NAG B . -12.72 -1.02 -18.21
H82 NAG B . -12.28 -0.04 -16.79
H83 NAG B . -13.85 0.23 -17.62
HN2 NAG B . -14.89 -2.30 -17.91
HO3 NAG B . -14.48 -5.90 -18.07
HO6 NAG B . -17.67 -6.44 -12.97
C1 NAG B . -15.81 -7.98 -17.05
C2 NAG B . -16.53 -9.15 -17.74
C3 NAG B . -15.62 -10.38 -17.76
C4 NAG B . -14.25 -10.01 -18.34
C5 NAG B . -13.66 -8.85 -17.58
C6 NAG B . -12.33 -8.43 -18.16
C7 NAG B . -18.94 -9.13 -17.49
C8 NAG B . -20.13 -9.50 -16.62
N2 NAG B . -17.75 -9.45 -17.00
O3 NAG B . -16.22 -11.37 -18.56
O4 NAG B . -13.35 -11.13 -18.27
O5 NAG B . -14.55 -7.72 -17.68
O6 NAG B . -12.45 -8.11 -19.53
O7 NAG B . -19.10 -8.56 -18.58
H1 NAG B . -15.65 -8.21 -15.98
H2 NAG B . -16.72 -8.86 -18.79
H3 NAG B . -15.49 -10.75 -16.72
H4 NAG B . -14.45 -9.64 -19.36
H5 NAG B . -13.52 -9.11 -16.51
H61 NAG B . -11.60 -9.25 -18.03
H62 NAG B . -11.93 -7.56 -17.61
H81 NAG B . -21.05 -9.06 -17.01
H82 NAG B . -19.97 -9.15 -15.59
H83 NAG B . -20.26 -10.60 -16.61
HN2 NAG B . -17.64 -9.89 -16.13
HO3 NAG B . -15.67 -12.16 -18.46
HO6 NAG B . -11.67 -7.61 -19.83
C1 BMA B . -12.92 -11.64 -19.49
C2 BMA B . -11.48 -12.15 -19.34
C3 BMA B . -11.03 -12.70 -20.69
C4 BMA B . -11.99 -13.82 -21.10
C5 BMA B . -13.45 -13.33 -21.11
C6 BMA B . -14.44 -14.47 -21.32
O2 BMA B . -11.46 -13.18 -18.35
O3 BMA B . -9.67 -13.22 -20.63
O4 BMA B . -11.65 -14.31 -22.39
O5 BMA B . -13.80 -12.70 -19.85
O6 BMA B . -15.78 -14.06 -21.07
H1 BMA B . -12.95 -10.86 -20.28
H2 BMA B . -10.87 -11.30 -19.01
H3 BMA B . -11.08 -11.90 -21.45
H4 BMA B . -11.90 -14.65 -20.37
H5 BMA B . -13.62 -12.58 -21.91
H61 BMA B . -14.20 -15.31 -20.65
H62 BMA B . -14.36 -14.85 -22.34
HO2 BMA B . -10.55 -13.29 -18.05
HO4 BMA B . -10.71 -14.51 -22.38
HO6 BMA B . -15.76 -13.24 -20.55
C1 MAN B . -8.68 -12.34 -20.17
C2 MAN B . -7.34 -12.64 -20.86
C3 MAN B . -6.70 -13.95 -20.34
C4 MAN B . -6.72 -14.02 -18.81
C5 MAN B . -8.12 -13.70 -18.30
C6 MAN B . -8.27 -13.69 -16.80
O2 MAN B . -6.41 -11.55 -20.64
O3 MAN B . -5.36 -14.03 -20.79
O4 MAN B . -6.33 -15.31 -18.39
O5 MAN B . -8.54 -12.40 -18.77
O6 MAN B . -9.64 -13.58 -16.44
H1 MAN B . -9.00 -11.30 -20.40
H2 MAN B . -7.56 -12.78 -21.93
H3 MAN B . -7.27 -14.80 -20.74
H4 MAN B . -6.02 -13.27 -18.40
H5 MAN B . -8.80 -14.48 -18.68
H61 MAN B . -7.67 -12.89 -16.35
H62 MAN B . -7.87 -14.63 -16.38
HO3 MAN B . -4.87 -14.59 -20.18
HO4 MAN B . -6.94 -15.98 -18.74
HO6 MAN B . -9.72 -12.72 -16.03
C1 MAN B . -5.79 -11.06 -21.81
C2 MAN B . -4.72 -10.00 -21.44
C3 MAN B . -5.37 -8.65 -21.03
C4 MAN B . -6.42 -8.21 -22.06
C5 MAN B . -7.44 -9.36 -22.23
C6 MAN B . -8.62 -9.08 -23.16
O2 MAN B . -3.86 -9.78 -22.54
O3 MAN B . -4.37 -7.64 -20.91
O4 MAN B . -7.09 -7.03 -21.63
O5 MAN B . -6.74 -10.52 -22.72
O6 MAN B . -9.83 -8.99 -22.42
H1 MAN B . -5.32 -11.92 -22.33
H2 MAN B . -4.12 -10.36 -20.59
H3 MAN B . -5.84 -8.80 -20.04
H4 MAN B . -5.95 -8.04 -23.04
H5 MAN B . -7.83 -9.62 -21.23
H61 MAN B . -8.71 -9.85 -23.94
H62 MAN B . -8.45 -8.14 -23.70
HO2 MAN B . -3.39 -8.95 -22.40
HO3 MAN B . -3.61 -8.01 -20.41
HO4 MAN B . -7.97 -6.95 -22.06
HO6 MAN B . -9.98 -8.04 -22.20
C1 NAG C . 23.10 10.11 3.63
C2 NAG C . 21.92 11.06 3.90
C3 NAG C . 21.52 11.68 2.56
C4 NAG C . 22.72 12.38 1.93
C5 NAG C . 23.92 11.44 1.82
C6 NAG C . 25.21 12.09 1.37
C7 NAG C . 20.42 10.44 5.72
C8 NAG C . 19.25 9.58 6.15
N2 NAG C . 20.80 10.30 4.45
O3 NAG C . 20.45 12.60 2.74
O4 NAG C . 22.34 12.79 0.60
O5 NAG C . 24.20 10.85 3.11
O6 NAG C . 25.36 13.37 1.99
O6 NAG C . 26.06 11.14 0.75
O7 NAG C . 20.96 11.21 6.51
H1 NAG C . 22.85 9.36 2.86
H2 NAG C . 22.27 11.86 4.57
H3 NAG C . 21.20 10.90 1.86
H4 NAG C . 22.97 13.25 2.57
H5 NAG C . 23.65 10.64 1.11
H61 NAG C . 25.13 12.55 0.37
H62 NAG C . 26.06 11.92 2.06
H81 NAG C . 18.30 10.04 5.86
H82 NAG C . 19.24 9.46 7.25
H83 NAG C . 19.31 8.57 5.71
HN2 NAG C . 20.30 9.70 3.89
HO3 NAG C . 19.64 12.11 2.56
HO6 NAG C . 26.12 13.83 1.62
HO6 NAG C . 25.71 10.24 0.86
C1 NAG C . 22.68 14.06 0.19
C2 NAG C . 22.61 14.10 -1.34
C3 NAG C . 22.73 15.52 -1.88
C4 NAG C . 21.77 16.45 -1.12
C5 NAG C . 21.96 16.31 0.38
C6 NAG C . 21.01 17.17 1.17
C7 NAG C . 23.45 12.04 -2.30
C8 NAG C . 24.65 11.27 -2.81
N2 NAG C . 23.69 13.28 -1.87
O3 NAG C . 22.39 15.53 -3.26
O4 NAG C . 22.04 17.83 -1.47
O5 NAG C . 21.73 14.95 0.76
O6 NAG C . 21.42 17.25 2.53
O7 NAG C . 22.31 11.56 -2.36
H1 NAG C . 23.68 14.35 0.54
H2 NAG C . 21.62 13.74 -1.63
H3 NAG C . 23.76 15.88 -1.75
H4 NAG C . 20.73 16.13 -1.29
H5 NAG C . 23.00 16.61 0.61
H61 NAG C . 19.99 16.78 1.12
H62 NAG C . 20.98 18.19 0.76
H81 NAG C . 24.36 10.26 -3.12
H82 NAG C . 25.41 11.16 -2.01
H83 NAG C . 25.10 11.78 -3.68
HN2 NAG C . 24.60 13.65 -1.91
HO3 NAG C . 22.56 16.41 -3.60
HO6 NAG C . 21.36 16.38 2.95
C1 BMA C . 21.29 18.35 -2.51
C2 BMA C . 21.04 19.83 -2.25
C3 BMA C . 20.30 20.41 -3.44
C4 BMA C . 21.07 20.16 -4.71
C5 BMA C . 21.32 18.67 -4.86
C6 BMA C . 22.11 18.30 -6.08
O2 BMA C . 22.29 20.52 -2.07
O3 BMA C . 20.11 21.82 -3.27
O4 BMA C . 20.31 20.64 -5.82
O5 BMA C . 22.03 18.17 -3.72
O6 BMA C . 22.06 16.88 -6.24
H1 BMA C . 20.32 17.81 -2.59
H2 BMA C . 20.42 19.91 -1.35
H3 BMA C . 19.35 19.85 -3.53
H4 BMA C . 22.05 20.68 -4.67
H5 BMA C . 20.32 18.17 -4.96
H61 BMA C . 23.14 18.68 -5.98
H62 BMA C . 21.68 18.82 -6.95
HO2 BMA C . 22.67 20.11 -1.27
HO4 BMA C . 20.20 21.59 -5.69
C1 MAN C . 18.83 22.21 -2.88
C2 MAN C . 18.66 23.69 -3.15
C3 MAN C . 19.64 24.45 -2.25
C4 MAN C . 19.41 24.09 -0.79
C5 MAN C . 19.48 22.58 -0.59
C6 MAN C . 19.08 22.13 0.82
O2 MAN C . 17.30 24.08 -2.87
O3 MAN C . 19.49 25.85 -2.42
O4 MAN C . 20.38 24.73 0.03
O5 MAN C . 18.58 21.92 -1.51
O6 MAN C . 19.12 20.72 0.96
H1 MAN C . 18.10 21.62 -3.48
H2 MAN C . 18.96 23.93 -4.19
H3 MAN C . 20.67 24.17 -2.51
H4 MAN C . 18.40 24.44 -0.49
H5 MAN C . 20.51 22.22 -0.79
H61 MAN C . 18.06 22.49 1.05
H62 MAN C . 19.75 22.59 1.56
HO3 MAN C . 20.03 26.23 -1.71
HO4 MAN C . 21.26 24.41 -0.23
HO6 MAN C . 18.28 20.33 0.63
C1 MAN C . 16.33 23.78 -3.84
C2 MAN C . 15.13 24.69 -3.60
C3 MAN C . 14.58 24.40 -2.22
C4 MAN C . 14.16 22.93 -2.14
C5 MAN C . 15.33 22.01 -2.52
C6 MAN C . 14.89 20.55 -2.64
O2 MAN C . 14.10 24.40 -4.57
O3 MAN C . 13.47 25.24 -1.95
O4 MAN C . 13.74 22.64 -0.82
O5 MAN C . 15.91 22.42 -3.79
O6 MAN C . 15.98 19.71 -2.99
H1 MAN C . 16.76 23.95 -4.85
H2 MAN C . 15.49 25.74 -3.60
H3 MAN C . 15.36 24.58 -1.45
H4 MAN C . 13.32 22.76 -2.83
H5 MAN C . 16.10 22.09 -1.75
H61 MAN C . 14.05 20.45 -3.34
H62 MAN C . 14.51 20.24 -1.66
HO3 MAN C . 13.78 25.96 -1.38
HO4 MAN C . 13.06 23.30 -0.66
HO6 MAN C . 15.62 18.98 -3.50
C1 MAN C . 13.84 25.39 -5.52
C2 MAN C . 12.43 25.21 -6.07
C3 MAN C . 12.34 23.94 -6.91
C4 MAN C . 13.40 23.97 -8.01
C5 MAN C . 14.79 24.18 -7.37
C6 MAN C . 15.89 24.33 -8.42
O2 MAN C . 12.07 26.33 -6.86
O3 MAN C . 11.05 23.82 -7.51
O4 MAN C . 13.35 22.77 -8.75
O5 MAN C . 14.80 25.37 -6.57
O6 MAN C . 16.06 23.15 -9.19
H1 MAN C . 13.94 26.38 -5.03
H2 MAN C . 11.72 25.14 -5.24
H3 MAN C . 12.51 23.07 -6.25
H4 MAN C . 13.18 24.82 -8.68
H5 MAN C . 15.04 23.32 -6.72
H61 MAN C . 16.84 24.58 -7.92
H62 MAN C . 15.66 25.17 -9.09
HO2 MAN C . 11.17 26.19 -7.16
HO3 MAN C . 10.34 23.82 -6.85
HO4 MAN C . 12.42 22.63 -8.96
HO6 MAN C . 15.16 22.78 -9.31
C1 MAN C . 22.65 16.45 -7.44
C2 MAN C . 22.41 14.96 -7.58
C3 MAN C . 23.13 14.24 -6.45
C4 MAN C . 24.61 14.59 -6.45
C5 MAN C . 24.75 16.11 -6.36
C6 MAN C . 26.19 16.58 -6.42
O2 MAN C . 22.88 14.49 -8.84
O3 MAN C . 22.98 12.82 -6.61
O4 MAN C . 25.26 13.94 -5.37
O5 MAN C . 24.04 16.72 -7.45
O6 MAN C . 26.74 16.23 -7.71
H1 MAN C . 22.21 17.01 -8.29
H2 MAN C . 21.33 14.75 -7.47
H3 MAN C . 22.74 14.61 -5.48
H4 MAN C . 25.07 14.26 -7.40
H5 MAN C . 24.34 16.45 -5.38
H61 MAN C . 26.73 16.15 -5.57
H62 MAN C . 26.20 17.68 -6.26
HO2 MAN C . 23.67 15.03 -9.05
HO4 MAN C . 25.26 13.00 -5.63
C1 MAN C . 22.01 12.23 -5.79
C2 MAN C . 22.27 10.73 -5.72
C3 MAN C . 21.90 10.03 -7.02
C4 MAN C . 20.47 10.41 -7.43
C5 MAN C . 20.38 11.92 -7.55
C6 MAN C . 19.01 12.44 -7.99
O2 MAN C . 21.54 10.14 -4.64
O3 MAN C . 22.01 8.62 -6.85
O4 MAN C . 20.12 9.80 -8.67
O5 MAN C . 20.69 12.52 -6.27
O6 MAN C . 18.00 12.12 -7.05
H1 MAN C . 22.06 12.68 -4.77
H2 MAN C . 23.34 10.59 -5.55
H3 MAN C . 22.60 10.35 -7.82
H4 MAN C . 19.77 10.09 -6.64
H5 MAN C . 21.12 12.26 -8.29
H61 MAN C . 18.78 12.02 -8.98
H62 MAN C . 19.07 13.52 -8.14
HO2 MAN C . 21.71 10.67 -3.84
HO3 MAN C . 21.59 8.46 -5.99
HO4 MAN C . 19.16 9.86 -8.74
HO6 MAN C . 17.26 12.69 -7.29
C1 MAN C . 28.11 16.52 -7.82
C2 MAN C . 28.61 16.02 -9.18
C3 MAN C . 28.46 14.50 -9.23
C4 MAN C . 29.23 13.86 -8.07
C5 MAN C . 28.80 14.48 -6.72
C6 MAN C . 29.65 14.02 -5.55
O2 MAN C . 29.98 16.38 -9.35
O3 MAN C . 28.96 14.01 -10.47
O4 MAN C . 28.99 12.45 -8.05
O5 MAN C . 28.88 15.92 -6.78
O6 MAN C . 30.92 14.68 -5.53
H1 MAN C . 28.24 17.61 -7.71
H2 MAN C . 28.00 16.46 -9.98
H3 MAN C . 27.40 14.22 -9.13
H4 MAN C . 30.31 14.03 -8.19
H5 MAN C . 27.76 14.15 -6.55
H61 MAN C . 29.80 12.93 -5.59
H62 MAN C . 29.11 14.22 -4.60
HO2 MAN C . 30.42 16.21 -8.50
HO3 MAN C . 29.73 14.56 -10.66
HO4 MAN C . 29.18 12.17 -8.95
HO6 MAN C . 30.94 15.31 -4.80
C1 GLC D . 2.36 5.65 -22.15
C1 GLC D . 2.60 11.58 -22.74
C2 GLC D . 3.55 6.29 -22.86
C2 GLC D . 3.21 12.87 -22.22
C3 GLC D . 4.52 6.84 -21.81
C3 GLC D . 4.30 12.54 -21.22
C4 GLC D . 3.78 7.79 -20.87
C4 GLC D . 3.77 11.66 -20.10
C5 GLC D . 2.55 7.12 -20.28
C5 GLC D . 3.05 10.43 -20.68
C6 GLC D . 1.72 8.07 -19.44
C6 GLC D . 2.36 9.60 -19.63
O1 GLC D . 2.81 4.63 -21.33
O1 GLC D . 1.57 11.90 -23.62
O2 GLC D . 4.22 5.33 -23.67
O2 GLC D . 3.76 13.60 -23.30
O3 GLC D . 5.59 7.51 -22.45
O3 GLC D . 4.86 13.76 -20.69
O4 GLC D . 4.67 8.15 -19.80
O4 GLC D . 4.87 11.24 -19.27
O5 GLC D . 1.70 6.62 -21.33
O5 GLC D . 2.04 10.84 -21.65
O6 GLC D . 1.29 9.19 -20.23
O6 GLC D . 1.43 8.71 -20.23
H1 GLC D . 1.63 5.24 -22.86
H1 GLC D . 3.32 10.97 -23.26
H2 GLC D . 3.18 7.11 -23.51
H2 GLC D . 2.41 13.42 -21.75
H3 GLC D . 4.93 5.99 -21.24
H3 GLC D . 5.10 12.00 -21.74
H4 GLC D . 3.44 8.62 -21.50
H4 GLC D . 2.99 12.23 -19.54
H5 GLC D . 2.86 6.28 -19.62
H5 GLC D . 3.79 9.77 -21.17
H61 GLC D . 2.29 8.40 -18.57
H61 GLC D . 1.86 10.22 -18.87
H62 GLC D . 0.88 7.54 -19.02
H62 GLC D . 3.06 8.98 -19.10
HO1 GLC D . 2.03 4.25 -20.92
HO1 GLC D . 2.08 12.26 -24.39
HO2 GLC D . 4.86 5.83 -24.20
HO2 GLC D . 3.02 13.85 -23.87
HO3 GLC D . 6.42 7.07 -22.22
HO3 GLC D . 5.03 14.30 -21.46
HO6 GLC D . 0.82 8.83 -21.00
HO6 GLC D . 1.83 7.86 -20.41
C1 GLC D . 4.85 9.53 -19.54
C1 GLC D . 5.03 11.90 -18.04
C2 GLC D . 6.33 9.78 -19.38
C2 GLC D . 6.50 11.92 -17.66
C3 GLC D . 6.87 9.03 -18.16
C3 GLC D . 7.00 10.50 -17.37
C4 GLC D . 6.03 9.34 -16.91
C4 GLC D . 6.11 9.87 -16.28
C5 GLC D . 4.53 9.20 -17.20
C5 GLC D . 4.65 9.93 -16.72
C6 GLC D . 3.66 9.69 -16.05
C6 GLC D . 3.68 9.38 -15.69
O2 GLC D . 7.02 9.32 -20.54
O2 GLC D . 7.27 12.47 -18.72
O3 GLC D . 8.21 9.43 -17.96
O3 GLC D . 8.35 10.55 -16.94
O4 GLC D . 6.33 8.42 -15.84
O4 GLC D . 6.44 8.49 -16.04
O5 GLC D . 4.16 9.94 -18.37
O5 GLC D . 4.26 11.29 -17.01
O6 GLC D . 2.30 9.35 -16.26
O6 GLC D . 2.35 9.40 -16.16
H1 GLC D . 4.42 10.15 -20.35
H1 GLC D . 4.64 12.95 -18.13
H2 GLC D . 6.50 10.86 -19.24
H2 GLC D . 6.71 12.52 -16.79
H3 GLC D . 6.83 7.95 -18.38
H3 GLC D . 6.93 9.89 -18.29
H4 GLC D . 6.25 10.37 -16.56
H4 GLC D . 6.21 10.44 -15.34
H5 GLC D . 4.34 8.13 -17.34
H5 GLC D . 4.59 9.33 -17.64
H61 GLC D . 3.75 10.78 -16.02
H61 GLC D . 3.82 9.74 -14.68
H62 GLC D . 4.00 9.27 -15.08
H62 GLC D . 3.97 8.32 -15.61
HO2 GLC D . 6.66 8.45 -20.78
HO2 GLC D . 6.98 12.01 -19.52
HO3 GLC D . 8.55 9.65 -18.85
HO3 GLC D . 8.81 11.11 -17.58
HO6 GLC D . 2.22 8.39 -16.17
HO6 GLC D . 2.09 8.47 -16.29
C1A RY7 D . 7.02 6.58 -10.23
C2A RY7 D . 6.31 5.40 -9.55
C3A RY7 D . 4.98 5.86 -8.98
C4A RY7 D . 5.19 6.91 -7.89
C5A RY7 D . 5.92 8.15 -8.45
C6A RY7 D . 6.29 9.11 -7.31
C7A RY7 D . 7.19 7.76 -9.26
O2A RY7 D . 6.09 4.37 -10.49
O3A RY7 D . 4.29 4.75 -8.42
O4A RY7 D . 3.92 7.30 -7.36
O6A RY7 D . 7.16 8.49 -6.37
C1 RY7 D . 7.63 8.17 -15.38
C2 RY7 D . 7.66 6.68 -15.02
C3 RY7 D . 6.70 6.40 -13.84
C4 RY7 D . 7.13 7.25 -12.64
C5 RY7 D . 7.03 8.72 -13.08
C6 RY7 D . 7.44 9.72 -12.02
N4 RY7 D . 6.29 6.96 -11.46
O2 RY7 D . 7.27 5.92 -16.16
O3 RY7 D . 6.71 5.01 -13.52
O5 RY7 D . 7.90 8.96 -14.22
H1A RY7 D . 8.05 6.28 -10.50
H2A RY7 D . 6.93 5.02 -8.73
H3A RY7 D . 4.36 6.28 -9.80
H4A RY7 D . 5.78 6.45 -7.09
H5A RY7 D . 5.23 8.68 -9.12
H6A1 RY7 D . 5.38 9.44 -6.77
H6A2 RY7 D . 6.78 9.99 -7.71
H7A1 RY7 D . 7.64 8.63 -9.70
H7A2 RY7 D . 7.94 7.44 -8.53
HOA2 RY7 D . 5.45 3.82 -10.02
HOA3 RY7 D . 3.37 5.01 -8.32
HOA4 RY7 D . 4.11 7.87 -6.61
HOA6 RY7 D . 6.83 8.58 -5.46
H1 RY7 D . 8.46 8.42 -16.04
H2 RY7 D . 8.66 6.36 -14.70
H3 RY7 D . 5.67 6.69 -14.12
H4 RY7 D . 8.20 7.04 -12.47
H5 RY7 D . 6.00 8.97 -13.39
H62 RY7 D . 8.42 9.44 -11.63
H63 RY7 D . 6.67 9.81 -11.24
H61 RY7 D . 7.54 10.73 -12.45
HN41 RY7 D . 5.78 7.77 -11.26
HO2 RY7 D . 6.81 5.16 -15.79
HO3 RY7 D . 5.91 4.64 -13.93
HN42 RY7 D . 5.69 6.22 -11.69
C1 MAN E . -25.31 0.16 -12.71
C1 MAN E . -25.54 -0.77 -11.39
C2 MAN E . -26.20 1.35 -12.31
C2 MAN E . -26.52 0.37 -11.09
C3 MAN E . -26.99 1.01 -11.05
C3 MAN E . -26.53 0.70 -9.60
C4 MAN E . -27.74 -0.32 -11.23
C4 MAN E . -26.78 -0.55 -8.76
C5 MAN E . -26.81 -1.43 -11.72
C5 MAN E . -25.75 -1.62 -9.13
C6 MAN E . -27.58 -2.70 -12.09
C6 MAN E . -25.98 -2.94 -8.40
O2 MAN E . -27.09 1.68 -13.36
O2 MAN E . -27.82 0.01 -11.51
O3 MAN E . -27.93 2.04 -10.78
O3 MAN E . -27.56 1.65 -9.34
O4 MAN E . -28.33 -0.69 -9.99
O4 MAN E . -26.69 -0.23 -7.39
O5 MAN E . -26.10 -1.01 -12.90
O5 MAN E . -25.79 -1.89 -10.55
O6 MAN E . -26.78 -3.59 -12.87
O6 MAN E . -25.17 -3.98 -8.94
H1 MAN E . -24.82 0.36 -13.68
H1 MAN E . -25.67 -1.13 -12.43
H2 MAN E . -25.55 2.21 -12.08
H2 MAN E . -26.19 1.28 -11.64
H3 MAN E . -26.31 0.88 -10.19
H3 MAN E . -25.56 1.11 -9.30
H4 MAN E . -28.52 -0.18 -12.00
H4 MAN E . -27.80 -0.91 -8.98
H5 MAN E . -26.07 -1.71 -10.95
H5 MAN E . -24.73 -1.27 -8.89
H61 MAN E . -28.48 -2.45 -12.67
H61 MAN E . -27.03 -3.23 -8.46
H62 MAN E . -27.91 -3.21 -11.18
H62 MAN E . -25.75 -2.81 -7.33
HO2 MAN E . -27.53 2.49 -13.05
HO2 MAN E . -28.06 -0.82 -11.10
HO3 MAN E . -28.72 1.66 -10.37
HO3 MAN E . -28.38 1.31 -9.75
HO4 MAN E . -29.14 -0.18 -9.88
HO4 MAN E . -27.06 0.68 -7.30
HO6 MAN E . -26.27 -3.04 -13.49
HO6 MAN E . -25.00 -3.77 -9.87
C1 MAN F . -23.28 11.68 -9.20
C1 MAN F . -23.35 11.61 -9.34
C2 MAN F . -22.62 12.96 -8.71
C2 MAN F . -22.54 12.88 -9.08
C3 MAN F . -23.51 13.63 -7.66
C3 MAN F . -23.04 13.59 -7.83
C4 MAN F . -24.91 13.84 -8.23
C4 MAN F . -24.56 13.80 -7.91
C5 MAN F . -25.49 12.55 -8.81
C5 MAN F . -25.28 12.48 -8.21
C6 MAN F . -26.80 12.78 -9.55
C6 MAN F . -26.77 12.63 -8.43
O2 MAN F . -22.42 13.86 -9.79
O2 MAN F . -22.65 13.75 -10.19
O3 MAN F . -22.95 14.87 -7.28
O3 MAN F . -22.39 14.84 -7.68
O4 MAN F . -25.77 14.32 -7.19
O4 MAN F . -25.02 14.36 -6.68
O5 MAN F . -24.57 11.97 -9.75
O5 MAN F . -24.73 11.90 -9.41
O6 MAN F . -26.58 13.48 -10.77
O6 MAN F . -27.30 11.47 -9.05
H1 MAN F . -22.70 11.21 -10.02
H1 MAN F . -23.07 11.15 -10.30
H2 MAN F . -21.64 12.70 -8.26
H2 MAN F . -21.48 12.62 -8.93
H3 MAN F . -23.56 12.97 -6.77
H3 MAN F . -22.80 12.95 -6.95
H4 MAN F . -24.86 14.59 -9.03
H4 MAN F . -24.74 14.53 -8.73
H5 MAN F . -25.68 11.86 -7.96
H5 MAN F . -25.13 11.77 -7.38
H61 MAN F . -27.48 13.37 -8.91
H61 MAN F . -27.22 12.84 -7.46
H62 MAN F . -27.30 11.82 -9.76
H62 MAN F . -26.97 13.52 -9.05
HO2 MAN F . -21.76 13.47 -10.41
HO2 MAN F . -21.94 13.49 -10.81
HO3 MAN F . -22.91 15.37 -8.11
HO3 MAN F . -22.65 15.36 -8.45
HO4 MAN F . -25.78 13.68 -6.46
HO4 MAN F . -25.17 13.63 -6.04
HO6 MAN F . -27.29 13.21 -11.37
HO6 MAN F . -26.72 11.32 -9.81
C1 MAN G . -15.01 -13.18 3.79
C2 MAN G . -14.86 -14.49 4.57
C3 MAN G . -16.01 -15.44 4.21
C4 MAN G . -17.35 -14.74 4.44
C5 MAN G . -17.41 -13.42 3.67
C6 MAN G . -18.68 -12.62 3.92
O2 MAN G . -14.89 -14.22 5.97
O3 MAN G . -15.94 -16.61 5.00
O4 MAN G . -18.40 -15.61 4.02
O5 MAN G . -16.28 -12.59 4.02
O6 MAN G . -18.78 -11.51 3.03
H1 MAN G . -14.24 -12.45 4.14
H2 MAN G . -13.90 -14.97 4.32
H3 MAN G . -15.90 -15.71 3.15
H4 MAN G . -17.47 -14.55 5.52
H5 MAN G . -17.37 -13.68 2.59
H61 MAN G . -18.72 -12.30 4.98
H62 MAN G . -19.55 -13.27 3.78
HO2 MAN G . -15.68 -13.69 6.16
HO3 MAN G . -15.02 -16.93 5.05
HO4 MAN G . -18.22 -16.43 4.49
HO6 MAN G . -19.72 -11.31 2.90
C1 MAN H . -22.15 -13.13 0.04
C2 MAN H . -23.20 -13.72 -0.91
C3 MAN H . -23.26 -12.91 -2.19
C4 MAN H . -23.51 -11.44 -1.88
C5 MAN H . -22.40 -10.93 -0.96
C6 MAN H . -22.60 -9.48 -0.54
O2 MAN H . -24.47 -13.70 -0.26
O3 MAN H . -24.30 -13.40 -3.04
O4 MAN H . -23.54 -10.70 -3.09
O5 MAN H . -22.37 -11.73 0.25
O6 MAN H . -21.57 -9.05 0.35
H1 MAN H . -22.21 -13.59 1.05
H2 MAN H . -22.94 -14.77 -1.14
H3 MAN H . -22.29 -13.05 -2.70
H4 MAN H . -24.50 -11.35 -1.39
H5 MAN H . -21.43 -11.02 -1.47
H61 MAN H . -23.58 -9.36 -0.05
H62 MAN H . -22.61 -8.83 -1.44
HO2 MAN H . -24.58 -12.83 0.13
HO3 MAN H . -24.25 -14.36 -3.08
HO4 MAN H . -24.11 -11.24 -3.66
HO6 MAN H . -21.57 -9.66 1.11
C1 MAN I . -22.07 5.70 -12.60
C2 MAN I . -23.15 6.76 -12.35
C3 MAN I . -24.55 6.21 -12.72
C4 MAN I . -24.53 5.62 -14.12
C5 MAN I . -23.39 4.61 -14.26
C6 MAN I . -23.26 4.02 -15.67
O2 MAN I . -22.89 7.93 -13.11
O3 MAN I . -25.50 7.26 -12.67
O4 MAN I . -25.77 4.97 -14.36
O5 MAN I . -22.14 5.26 -13.95
O6 MAN I . -22.56 2.77 -15.63
H1 MAN I . -21.05 6.12 -12.44
H2 MAN I . -23.16 7.02 -11.27
H3 MAN I . -24.84 5.43 -11.98
H4 MAN I . -24.41 6.43 -14.84
H5 MAN I . -23.63 3.79 -13.58
H61 MAN I . -22.77 4.74 -16.35
H62 MAN I . -24.26 3.84 -16.08
HO2 MAN I . -22.82 7.65 -14.03
HO3 MAN I . -25.48 7.72 -11.81
HO4 MAN I . -26.00 5.16 -15.28
HO6 MAN I . -21.61 2.92 -15.57
C1 MAN J . -24.87 15.09 -1.55
C2 MAN J . -25.11 16.58 -1.93
C3 MAN J . -24.49 17.50 -0.88
C4 MAN J . -24.95 17.11 0.53
C5 MAN J . -24.57 15.63 0.76
C6 MAN J . -24.85 15.07 2.15
O2 MAN J . -26.50 16.86 -2.05
O3 MAN J . -24.84 18.85 -1.13
O4 MAN J . -24.34 17.95 1.49
O5 MAN J . -25.27 14.83 -0.21
O6 MAN J . -26.25 14.92 2.38
H1 MAN J . -25.46 14.41 -2.21
H2 MAN J . -24.63 16.76 -2.91
H3 MAN J . -23.39 17.40 -0.96
H4 MAN J . -26.05 17.19 0.60
H5 MAN J . -23.48 15.58 0.63
H61 MAN J . -24.44 15.71 2.92
H62 MAN J . -24.36 14.08 2.27
HO2 MAN J . -26.89 16.16 -2.60
HO3 MAN J . -24.33 19.35 -0.50
HO4 MAN J . -24.76 18.81 1.35
HO6 MAN J . -26.60 14.65 1.51
C1 MAN K . -21.36 20.10 2.09
C2 MAN K . -21.77 21.54 2.40
C3 MAN K . -20.56 22.31 2.92
C4 MAN K . -19.93 21.59 4.12
C5 MAN K . -19.61 20.14 3.75
C6 MAN K . -19.08 19.31 4.91
O2 MAN K . -22.82 21.55 3.35
O3 MAN K . -20.96 23.63 3.32
O4 MAN K . -18.74 22.26 4.48
O5 MAN K . -20.80 19.49 3.24
O6 MAN K . -20.03 19.21 5.97
H1 MAN K . -22.24 19.50 1.78
H2 MAN K . -22.08 22.03 1.47
H3 MAN K . -19.82 22.41 2.11
H4 MAN K . -20.63 21.62 4.97
H5 MAN K . -18.84 20.14 2.95
H61 MAN K . -18.16 19.78 5.30
H62 MAN K . -18.80 18.31 4.54
HO2 MAN K . -22.47 21.05 4.10
HO3 MAN K . -21.49 23.56 4.12
HO4 MAN K . -19.00 23.19 4.62
HO6 MAN K . -19.82 19.92 6.61
C1 MAN L . -13.57 22.71 -1.02
C2 MAN L . -12.29 23.21 -0.36
C3 MAN L . -12.27 24.75 -0.40
C4 MAN L . -12.48 25.24 -1.83
C5 MAN L . -13.72 24.64 -2.44
C6 MAN L . -13.86 25.00 -3.91
O2 MAN L . -11.17 22.70 -1.04
O3 MAN L . -11.01 25.21 0.06
O4 MAN L . -12.59 26.65 -1.81
O5 MAN L . -13.69 23.20 -2.34
O6 MAN L . -15.04 24.42 -4.47
H1 MAN L . -13.56 21.61 -1.11
H2 MAN L . -12.29 22.84 0.68
H3 MAN L . -13.07 25.13 0.25
H4 MAN L . -11.60 24.96 -2.44
H5 MAN L . -14.61 25.03 -1.91
H61 MAN L . -12.97 24.67 -4.47
H62 MAN L . -13.89 26.09 -4.02
HO2 MAN L . -10.43 22.65 -0.43
HO3 MAN L . -10.37 24.92 -0.62
HO4 MAN L . -11.78 26.99 -1.39
HO6 MAN L . -14.89 23.47 -4.53
C1 MAN M . -15.79 25.31 3.84
C2 MAN M . -16.02 25.18 2.35
C3 MAN M . -15.68 26.49 1.66
C4 MAN M . -16.49 27.62 2.28
C5 MAN M . -16.27 27.67 3.79
C6 MAN M . -17.17 28.70 4.47
O2 MAN M . -17.37 24.84 2.08
O3 MAN M . -15.99 26.40 0.28
O4 MAN M . -16.12 28.86 1.69
O5 MAN M . -16.56 26.39 4.37
O6 MAN M . -16.99 28.69 5.88
H1 MAN M . -16.13 24.41 4.38
H2 MAN M . -15.35 24.39 1.95
H3 MAN M . -14.60 26.73 1.79
H4 MAN M . -17.55 27.43 2.07
H5 MAN M . -15.21 27.93 4.00
H61 MAN M . -18.22 28.54 4.22
H62 MAN M . -16.90 29.71 4.08
HO2 MAN M . -17.53 23.93 2.38
HO3 MAN M . -16.85 25.95 0.26
HO4 MAN M . -16.08 28.72 0.74
HO6 MAN M . -17.43 29.45 6.27
C1 MAN N . -15.25 25.86 10.67
C2 MAN N . -15.82 25.43 9.30
C3 MAN N . -16.49 26.61 8.55
C4 MAN N . -17.44 27.35 9.47
C5 MAN N . -16.71 27.79 10.75
C6 MAN N . -17.64 28.49 11.74
O2 MAN N . -16.77 24.38 9.46
O3 MAN N . -17.22 26.11 7.43
O4 MAN N . -17.98 28.49 8.80
O5 MAN N . -16.19 26.62 11.43
O6 MAN N . -18.18 29.70 11.20
H1 MAN N . -15.06 24.95 11.29
H2 MAN N . -15.00 25.06 8.67
H3 MAN N . -15.68 27.28 8.20
H4 MAN N . -18.28 26.69 9.77
H5 MAN N . -15.87 28.45 10.50
H61 MAN N . -17.08 28.73 12.65
H62 MAN N . -18.46 27.82 12.04
HO2 MAN N . -17.09 24.21 8.56
HO3 MAN N . -17.35 26.88 6.85
HO4 MAN N . -18.72 28.18 8.27
HO6 MAN N . -18.17 29.64 10.23
#